data_7SXP
# 
_entry.id   7SXP 
# 
_audit_conform.dict_name       mmcif_pdbx.dic 
_audit_conform.dict_version    5.392 
_audit_conform.dict_location   http://mmcif.pdb.org/dictionaries/ascii/mmcif_pdbx.dic 
# 
loop_
_database_2.database_id 
_database_2.database_code 
_database_2.pdbx_database_accession 
_database_2.pdbx_DOI 
PDB   7SXP         pdb_00007sxp 10.2210/pdb7sxp/pdb 
WWPDB D_1000261103 ?            ?                   
# 
loop_
_pdbx_audit_revision_history.ordinal 
_pdbx_audit_revision_history.data_content_type 
_pdbx_audit_revision_history.major_revision 
_pdbx_audit_revision_history.minor_revision 
_pdbx_audit_revision_history.revision_date 
1 'Structure model' 1 0 2023-05-31 
2 'Structure model' 1 1 2023-07-05 
3 'Structure model' 1 2 2024-05-22 
# 
_pdbx_audit_revision_details.ordinal             1 
_pdbx_audit_revision_details.revision_ordinal    1 
_pdbx_audit_revision_details.data_content_type   'Structure model' 
_pdbx_audit_revision_details.provider            repository 
_pdbx_audit_revision_details.type                'Initial release' 
_pdbx_audit_revision_details.description         ? 
_pdbx_audit_revision_details.details             ? 
# 
loop_
_pdbx_audit_revision_group.ordinal 
_pdbx_audit_revision_group.revision_ordinal 
_pdbx_audit_revision_group.data_content_type 
_pdbx_audit_revision_group.group 
1 2 'Structure model' 'Database references' 
2 3 'Structure model' 'Data collection'     
# 
loop_
_pdbx_audit_revision_category.ordinal 
_pdbx_audit_revision_category.revision_ordinal 
_pdbx_audit_revision_category.data_content_type 
_pdbx_audit_revision_category.category 
1 2 'Structure model' citation        
2 2 'Structure model' citation_author 
3 3 'Structure model' chem_comp_atom  
4 3 'Structure model' chem_comp_bond  
# 
loop_
_pdbx_audit_revision_item.ordinal 
_pdbx_audit_revision_item.revision_ordinal 
_pdbx_audit_revision_item.data_content_type 
_pdbx_audit_revision_item.item 
1  2 'Structure model' '_citation.country'                 
2  2 'Structure model' '_citation.journal_abbrev'          
3  2 'Structure model' '_citation.journal_id_CSD'          
4  2 'Structure model' '_citation.journal_id_ISSN'         
5  2 'Structure model' '_citation.journal_volume'          
6  2 'Structure model' '_citation.page_first'              
7  2 'Structure model' '_citation.page_last'               
8  2 'Structure model' '_citation.pdbx_database_id_DOI'    
9  2 'Structure model' '_citation.pdbx_database_id_PubMed' 
10 2 'Structure model' '_citation.title'                   
11 2 'Structure model' '_citation.year'                    
# 
_pdbx_database_status.status_code                     REL 
_pdbx_database_status.status_code_sf                  REL 
_pdbx_database_status.status_code_mr                  ? 
_pdbx_database_status.entry_id                        7SXP 
_pdbx_database_status.recvd_initial_deposition_date   2021-11-24 
_pdbx_database_status.SG_entry                        N 
_pdbx_database_status.deposit_site                    RCSB 
_pdbx_database_status.process_site                    RCSB 
_pdbx_database_status.status_code_cs                  ? 
_pdbx_database_status.status_code_nmr_data            ? 
_pdbx_database_status.methods_development_category    ? 
_pdbx_database_status.pdb_format_compatible           Y 
# 
_pdbx_contact_author.id                 2 
_pdbx_contact_author.email              adrian.ferre@nih.gov 
_pdbx_contact_author.name_first         Adrian 
_pdbx_contact_author.name_last          "Ferre-D'Amare" 
_pdbx_contact_author.name_mi            ? 
_pdbx_contact_author.role               'principal investigator/group leader' 
_pdbx_contact_author.identifier_ORCID   0000-0003-4549-1619 
# 
loop_
_audit_author.name 
_audit_author.pdbx_ordinal 
_audit_author.identifier_ORCID 
'Banco, M.T.'         1 ? 
;Ferre-D'Amare, A.R.
;
2 ? 
# 
_citation.abstract                  ? 
_citation.abstract_id_CAS           ? 
_citation.book_id_ISBN              ? 
_citation.book_publisher            ? 
_citation.book_publisher_city       ? 
_citation.book_title                ? 
_citation.coordinate_linkage        ? 
_citation.country                   US 
_citation.database_id_Medline       ? 
_citation.details                   ? 
_citation.id                        primary 
_citation.journal_abbrev            'Cell Chem Biol' 
_citation.journal_id_ASTM           ? 
_citation.journal_id_CSD            ? 
_citation.journal_id_ISSN           2451-9456 
_citation.journal_full              ? 
_citation.journal_issue             ? 
_citation.journal_volume            30 
_citation.language                  ? 
_citation.page_first                643 
_citation.page_last                 657.e8 
_citation.title                     
;Investigating the NRAS 5' UTR as a target for small molecules.
;
_citation.year                      2023 
_citation.database_id_CSD           ? 
_citation.pdbx_database_id_DOI      10.1016/j.chembiol.2023.05.004 
_citation.pdbx_database_id_PubMed   37257453 
_citation.pdbx_database_id_patent   ? 
_citation.unpublished_flag          ? 
# 
loop_
_citation_author.citation_id 
_citation_author.name 
_citation_author.ordinal 
_citation_author.identifier_ORCID 
primary 'Balaratnam, S.'        1  ? 
primary 'Torrey, Z.R.'          2  ? 
primary 'Calabrese, D.R.'       3  ? 
primary 'Banco, M.T.'           4  ? 
primary 'Yazdani, K.'           5  ? 
primary 'Liang, X.'             6  ? 
primary 'Fullenkamp, C.R.'      7  ? 
primary 'Seshadri, S.'          8  ? 
primary 'Holewinski, R.J.'      9  ? 
primary 'Andresson, T.'         10 ? 
primary 
;Ferre-D'Amare, A.R.
;
11 ? 
primary 'Incarnato, D.'         12 ? 
primary 'Schneekloth Jr., J.S.' 13 ? 
# 
loop_
_entity.id 
_entity.type 
_entity.src_method 
_entity.pdbx_description 
_entity.formula_weight 
_entity.pdbx_number_of_molecules 
_entity.pdbx_ec 
_entity.pdbx_mutation 
_entity.pdbx_fragment 
_entity.details 
1 polymer     syn 'NRAS mRNA'      7242.323 1 ? ? ? ? 
2 non-polymer syn 'POTASSIUM ION'  39.098   3 ? ? ? ? 
3 non-polymer syn 'CACODYLIC ACID' 137.997  2 ? ? ? ? 
# 
_entity_poly.entity_id                      1 
_entity_poly.type                           polyribonucleotide 
_entity_poly.nstd_linkage                   no 
_entity_poly.nstd_monomer                   no 
_entity_poly.pdbx_seq_one_letter_code       UGUGGGAUGGGCGGGUCUGGGA 
_entity_poly.pdbx_seq_one_letter_code_can   UGUGGGAUGGGCGGGUCUGGGA 
_entity_poly.pdbx_strand_id                 A 
_entity_poly.pdbx_target_identifier         ? 
# 
loop_
_pdbx_entity_nonpoly.entity_id 
_pdbx_entity_nonpoly.name 
_pdbx_entity_nonpoly.comp_id 
2 'POTASSIUM ION'  K   
3 'CACODYLIC ACID' CAD 
# 
loop_
_entity_poly_seq.entity_id 
_entity_poly_seq.num 
_entity_poly_seq.mon_id 
_entity_poly_seq.hetero 
1 1  U n 
1 2  G n 
1 3  U n 
1 4  G n 
1 5  G n 
1 6  G n 
1 7  A n 
1 8  U n 
1 9  G n 
1 10 G n 
1 11 G n 
1 12 C n 
1 13 G n 
1 14 G n 
1 15 G n 
1 16 U n 
1 17 C n 
1 18 U n 
1 19 G n 
1 20 G n 
1 21 G n 
1 22 A n 
# 
_pdbx_entity_src_syn.entity_id              1 
_pdbx_entity_src_syn.pdbx_src_id            1 
_pdbx_entity_src_syn.pdbx_alt_source_flag   sample 
_pdbx_entity_src_syn.pdbx_beg_seq_num       1 
_pdbx_entity_src_syn.pdbx_end_seq_num       22 
_pdbx_entity_src_syn.organism_scientific    'Homo sapiens' 
_pdbx_entity_src_syn.organism_common_name   Human 
_pdbx_entity_src_syn.ncbi_taxonomy_id       9606 
_pdbx_entity_src_syn.details                ? 
# 
loop_
_chem_comp.id 
_chem_comp.type 
_chem_comp.mon_nstd_flag 
_chem_comp.name 
_chem_comp.pdbx_synonyms 
_chem_comp.formula 
_chem_comp.formula_weight 
A   'RNA linking' y "ADENOSINE-5'-MONOPHOSPHATE" ?                             'C10 H14 N5 O7 P' 347.221 
C   'RNA linking' y "CYTIDINE-5'-MONOPHOSPHATE"  ?                             'C9 H14 N3 O8 P'  323.197 
CAD non-polymer   . 'CACODYLIC ACID'             'HYDROXYDIMETHYLARSINE OXIDE' 'C2 H7 As O2'     137.997 
G   'RNA linking' y "GUANOSINE-5'-MONOPHOSPHATE" ?                             'C10 H14 N5 O8 P' 363.221 
K   non-polymer   . 'POTASSIUM ION'              ?                             'K 1'             39.098  
U   'RNA linking' y "URIDINE-5'-MONOPHOSPHATE"   ?                             'C9 H13 N2 O9 P'  324.181 
# 
loop_
_pdbx_poly_seq_scheme.asym_id 
_pdbx_poly_seq_scheme.entity_id 
_pdbx_poly_seq_scheme.seq_id 
_pdbx_poly_seq_scheme.mon_id 
_pdbx_poly_seq_scheme.ndb_seq_num 
_pdbx_poly_seq_scheme.pdb_seq_num 
_pdbx_poly_seq_scheme.auth_seq_num 
_pdbx_poly_seq_scheme.pdb_mon_id 
_pdbx_poly_seq_scheme.auth_mon_id 
_pdbx_poly_seq_scheme.pdb_strand_id 
_pdbx_poly_seq_scheme.pdb_ins_code 
_pdbx_poly_seq_scheme.hetero 
A 1 1  U 1  1  1  U U A . n 
A 1 2  G 2  2  2  G G A . n 
A 1 3  U 3  3  3  U U A . n 
A 1 4  G 4  4  4  G G A . n 
A 1 5  G 5  5  5  G G A . n 
A 1 6  G 6  6  6  G G A . n 
A 1 7  A 7  7  7  A A A . n 
A 1 8  U 8  8  ?  ? ? A . n 
A 1 9  G 9  9  9  G G A . n 
A 1 10 G 10 10 10 G G A . n 
A 1 11 G 11 11 11 G G A . n 
A 1 12 C 12 12 12 C C A . n 
A 1 13 G 13 13 13 G G A . n 
A 1 14 G 14 14 14 G G A . n 
A 1 15 G 15 15 15 G G A . n 
A 1 16 U 16 16 16 U U A . n 
A 1 17 C 17 17 17 C C A . n 
A 1 18 U 18 18 18 U U A . n 
A 1 19 G 19 19 19 G G A . n 
A 1 20 G 20 20 20 G G A . n 
A 1 21 G 21 21 21 G G A . n 
A 1 22 A 22 22 22 A A A . n 
# 
loop_
_pdbx_nonpoly_scheme.asym_id 
_pdbx_nonpoly_scheme.entity_id 
_pdbx_nonpoly_scheme.mon_id 
_pdbx_nonpoly_scheme.ndb_seq_num 
_pdbx_nonpoly_scheme.pdb_seq_num 
_pdbx_nonpoly_scheme.auth_seq_num 
_pdbx_nonpoly_scheme.pdb_mon_id 
_pdbx_nonpoly_scheme.auth_mon_id 
_pdbx_nonpoly_scheme.pdb_strand_id 
_pdbx_nonpoly_scheme.pdb_ins_code 
B 2 K   1 101 101 K   K   A . 
C 2 K   1 102 102 K   K   A . 
D 2 K   1 103 103 K   K   A . 
E 3 CAD 1 104 104 CAD CAD A . 
F 3 CAD 1 105 105 CAD CAD A . 
# 
loop_
_pdbx_unobs_or_zero_occ_atoms.id 
_pdbx_unobs_or_zero_occ_atoms.PDB_model_num 
_pdbx_unobs_or_zero_occ_atoms.polymer_flag 
_pdbx_unobs_or_zero_occ_atoms.occupancy_flag 
_pdbx_unobs_or_zero_occ_atoms.auth_asym_id 
_pdbx_unobs_or_zero_occ_atoms.auth_comp_id 
_pdbx_unobs_or_zero_occ_atoms.auth_seq_id 
_pdbx_unobs_or_zero_occ_atoms.PDB_ins_code 
_pdbx_unobs_or_zero_occ_atoms.auth_atom_id 
_pdbx_unobs_or_zero_occ_atoms.label_alt_id 
_pdbx_unobs_or_zero_occ_atoms.label_asym_id 
_pdbx_unobs_or_zero_occ_atoms.label_comp_id 
_pdbx_unobs_or_zero_occ_atoms.label_seq_id 
_pdbx_unobs_or_zero_occ_atoms.label_atom_id 
1  1 Y 1 A U 1  ? "O5'" ? A U 1  "O5'" 
2  1 Y 1 A U 1  ? "C5'" ? A U 1  "C5'" 
3  1 Y 1 A U 1  ? "C4'" ? A U 1  "C4'" 
4  1 Y 1 A U 1  ? "O4'" ? A U 1  "O4'" 
5  1 Y 1 A U 1  ? "C3'" ? A U 1  "C3'" 
6  1 Y 1 A U 1  ? "C2'" ? A U 1  "C2'" 
7  1 Y 1 A U 1  ? "O2'" ? A U 1  "O2'" 
8  1 Y 1 A U 1  ? "C1'" ? A U 1  "C1'" 
9  1 Y 1 A U 1  ? N1    ? A U 1  N1    
10 1 Y 1 A U 1  ? C2    ? A U 1  C2    
11 1 Y 1 A U 1  ? O2    ? A U 1  O2    
12 1 Y 1 A U 1  ? N3    ? A U 1  N3    
13 1 Y 1 A U 1  ? C4    ? A U 1  C4    
14 1 Y 1 A U 1  ? O4    ? A U 1  O4    
15 1 Y 1 A U 1  ? C5    ? A U 1  C5    
16 1 Y 1 A U 1  ? C6    ? A U 1  C6    
17 1 Y 1 A A 7  ? "C5'" ? A A 7  "C5'" 
18 1 Y 1 A A 7  ? "C4'" ? A A 7  "C4'" 
19 1 Y 1 A A 7  ? "O4'" ? A A 7  "O4'" 
20 1 Y 1 A A 7  ? "C3'" ? A A 7  "C3'" 
21 1 Y 1 A A 7  ? "O3'" ? A A 7  "O3'" 
22 1 Y 1 A A 7  ? "C2'" ? A A 7  "C2'" 
23 1 Y 1 A A 7  ? "O2'" ? A A 7  "O2'" 
24 1 Y 1 A A 7  ? "C1'" ? A A 7  "C1'" 
25 1 Y 1 A A 7  ? N9    ? A A 7  N9    
26 1 Y 1 A A 7  ? C8    ? A A 7  C8    
27 1 Y 1 A A 7  ? N7    ? A A 7  N7    
28 1 Y 1 A A 7  ? C5    ? A A 7  C5    
29 1 Y 1 A A 7  ? C6    ? A A 7  C6    
30 1 Y 1 A A 7  ? N6    ? A A 7  N6    
31 1 Y 1 A A 7  ? N1    ? A A 7  N1    
32 1 Y 1 A A 7  ? C2    ? A A 7  C2    
33 1 Y 1 A A 7  ? N3    ? A A 7  N3    
34 1 Y 1 A A 7  ? C4    ? A A 7  C4    
35 1 Y 1 A U 16 ? C2    ? A U 16 C2    
36 1 Y 1 A U 16 ? O2    ? A U 16 O2    
37 1 Y 1 A U 16 ? N3    ? A U 16 N3    
38 1 Y 1 A U 16 ? C4    ? A U 16 C4    
39 1 Y 1 A U 16 ? O4    ? A U 16 O4    
40 1 Y 1 A U 16 ? C5    ? A U 16 C5    
41 1 Y 1 A U 16 ? C6    ? A U 16 C6    
42 1 Y 1 A U 18 ? C2    ? A U 18 C2    
43 1 Y 1 A U 18 ? O2    ? A U 18 O2    
44 1 Y 1 A U 18 ? N3    ? A U 18 N3    
45 1 Y 1 A U 18 ? C4    ? A U 18 C4    
46 1 Y 1 A U 18 ? O4    ? A U 18 O4    
47 1 Y 1 A U 18 ? C5    ? A U 18 C5    
48 1 Y 1 A U 18 ? C6    ? A U 18 C6    
# 
loop_
_software.citation_id 
_software.classification 
_software.compiler_name 
_software.compiler_version 
_software.contact_author 
_software.contact_author_email 
_software.date 
_software.description 
_software.dependencies 
_software.hardware 
_software.language 
_software.location 
_software.mods 
_software.name 
_software.os 
_software.os_version 
_software.type 
_software.version 
_software.pdbx_ordinal 
? refinement       ? ? ? ? ? ? ? ? ? ? ? PHENIX    ? ? ? 1.20.1_4487+SVN 1 
? phasing          ? ? ? ? ? ? ? ? ? ? ? PHENIX    ? ? ? 1.19.2_4158     2 
? 'data scaling'   ? ? ? ? ? ? ? ? ? ? ? pointless ? ? ? .               3 
? 'data scaling'   ? ? ? ? ? ? ? ? ? ? ? Aimless   ? ? ? .               4 
? 'data reduction' ? ? ? ? ? ? ? ? ? ? ? XDS       ? ? ? .               5 
# 
_cell.angle_alpha                  90.000 
_cell.angle_alpha_esd              ? 
_cell.angle_beta                   90.000 
_cell.angle_beta_esd               ? 
_cell.angle_gamma                  120.000 
_cell.angle_gamma_esd              ? 
_cell.entry_id                     7SXP 
_cell.details                      ? 
_cell.formula_units_Z              ? 
_cell.length_a                     36.402 
_cell.length_a_esd                 ? 
_cell.length_b                     36.402 
_cell.length_b_esd                 ? 
_cell.length_c                     70.103 
_cell.length_c_esd                 ? 
_cell.volume                       80448.458 
_cell.volume_esd                   ? 
_cell.Z_PDB                        6 
_cell.reciprocal_angle_alpha       ? 
_cell.reciprocal_angle_beta        ? 
_cell.reciprocal_angle_gamma       ? 
_cell.reciprocal_angle_alpha_esd   ? 
_cell.reciprocal_angle_beta_esd    ? 
_cell.reciprocal_angle_gamma_esd   ? 
_cell.reciprocal_length_a          ? 
_cell.reciprocal_length_b          ? 
_cell.reciprocal_length_c          ? 
_cell.reciprocal_length_a_esd      ? 
_cell.reciprocal_length_b_esd      ? 
_cell.reciprocal_length_c_esd      ? 
_cell.pdbx_unique_axis             ? 
_cell.pdbx_esd_method              ? 
# 
_symmetry.entry_id                         7SXP 
_symmetry.cell_setting                     ? 
_symmetry.Int_Tables_number                152 
_symmetry.space_group_name_Hall            
;P 31 2"
;
_symmetry.space_group_name_H-M             'P 31 2 1' 
_symmetry.pdbx_full_space_group_name_H-M   ? 
# 
_exptl.absorpt_coefficient_mu     ? 
_exptl.absorpt_correction_T_max   ? 
_exptl.absorpt_correction_T_min   ? 
_exptl.absorpt_correction_type    ? 
_exptl.absorpt_process_details    ? 
_exptl.entry_id                   7SXP 
_exptl.crystals_number            1 
_exptl.details                    ? 
_exptl.method                     'X-RAY DIFFRACTION' 
_exptl.method_details             ? 
# 
_exptl_crystal.colour                       ? 
_exptl_crystal.density_diffrn               ? 
_exptl_crystal.density_Matthews             1.85 
_exptl_crystal.density_method               ? 
_exptl_crystal.density_percent_sol          33.56 
_exptl_crystal.description                  ? 
_exptl_crystal.F_000                        ? 
_exptl_crystal.id                           1 
_exptl_crystal.preparation                  ? 
_exptl_crystal.size_max                     ? 
_exptl_crystal.size_mid                     ? 
_exptl_crystal.size_min                     ? 
_exptl_crystal.size_rad                     ? 
_exptl_crystal.colour_lustre                ? 
_exptl_crystal.colour_modifier              ? 
_exptl_crystal.colour_primary               ? 
_exptl_crystal.density_meas                 ? 
_exptl_crystal.density_meas_esd             ? 
_exptl_crystal.density_meas_gt              ? 
_exptl_crystal.density_meas_lt              ? 
_exptl_crystal.density_meas_temp            ? 
_exptl_crystal.density_meas_temp_esd        ? 
_exptl_crystal.density_meas_temp_gt         ? 
_exptl_crystal.density_meas_temp_lt         ? 
_exptl_crystal.pdbx_crystal_image_url       ? 
_exptl_crystal.pdbx_crystal_image_format    ? 
_exptl_crystal.pdbx_mosaicity               ? 
_exptl_crystal.pdbx_mosaicity_esd           ? 
_exptl_crystal.pdbx_mosaic_method           ? 
_exptl_crystal.pdbx_mosaic_block_size       ? 
_exptl_crystal.pdbx_mosaic_block_size_esd   ? 
# 
_exptl_crystal_grow.apparatus       ? 
_exptl_crystal_grow.atmosphere      ? 
_exptl_crystal_grow.crystal_id      1 
_exptl_crystal_grow.details         ? 
_exptl_crystal_grow.method          'VAPOR DIFFUSION, HANGING DROP' 
_exptl_crystal_grow.method_ref      ? 
_exptl_crystal_grow.pH              6.5 
_exptl_crystal_grow.pressure        ? 
_exptl_crystal_grow.pressure_esd    ? 
_exptl_crystal_grow.seeding         ? 
_exptl_crystal_grow.seeding_ref     ? 
_exptl_crystal_grow.temp_details    ? 
_exptl_crystal_grow.temp_esd        ? 
_exptl_crystal_grow.time            ? 
_exptl_crystal_grow.pdbx_details    '20 - 25 % PEG 3350, 80 mM sodium chloride and 100 mM BIS-TRIS pH 6.5' 
_exptl_crystal_grow.pdbx_pH_range   ? 
_exptl_crystal_grow.temp            293 
# 
_diffrn.ambient_environment              ? 
_diffrn.ambient_temp                     100 
_diffrn.ambient_temp_details             ? 
_diffrn.ambient_temp_esd                 ? 
_diffrn.crystal_id                       1 
_diffrn.crystal_support                  ? 
_diffrn.crystal_treatment                ? 
_diffrn.details                          ? 
_diffrn.id                               1 
_diffrn.ambient_pressure                 ? 
_diffrn.ambient_pressure_esd             ? 
_diffrn.ambient_pressure_gt              ? 
_diffrn.ambient_pressure_lt              ? 
_diffrn.ambient_temp_gt                  ? 
_diffrn.ambient_temp_lt                  ? 
_diffrn.pdbx_serial_crystal_experiment   N 
# 
_diffrn_detector.details                      ? 
_diffrn_detector.detector                     PIXEL 
_diffrn_detector.diffrn_id                    1 
_diffrn_detector.type                         'DECTRIS EIGER2 X 16M' 
_diffrn_detector.area_resol_mean              ? 
_diffrn_detector.dtime                        ? 
_diffrn_detector.pdbx_frames_total            ? 
_diffrn_detector.pdbx_collection_time_total   ? 
_diffrn_detector.pdbx_collection_date         2020-09-25 
_diffrn_detector.pdbx_frequency               ? 
_diffrn_detector.id                           ? 
_diffrn_detector.number_of_axes               ? 
# 
_diffrn_radiation.collimation                      ? 
_diffrn_radiation.diffrn_id                        1 
_diffrn_radiation.filter_edge                      ? 
_diffrn_radiation.inhomogeneity                    ? 
_diffrn_radiation.monochromator                    ? 
_diffrn_radiation.polarisn_norm                    ? 
_diffrn_radiation.polarisn_ratio                   ? 
_diffrn_radiation.probe                            ? 
_diffrn_radiation.type                             ? 
_diffrn_radiation.xray_symbol                      ? 
_diffrn_radiation.wavelength_id                    1 
_diffrn_radiation.pdbx_monochromatic_or_laue_m_l   M 
_diffrn_radiation.pdbx_wavelength_list             ? 
_diffrn_radiation.pdbx_wavelength                  ? 
_diffrn_radiation.pdbx_diffrn_protocol             'SINGLE WAVELENGTH' 
_diffrn_radiation.pdbx_analyzer                    ? 
_diffrn_radiation.pdbx_scattering_type             x-ray 
# 
_diffrn_radiation_wavelength.id           1 
_diffrn_radiation_wavelength.wavelength   1.104 
_diffrn_radiation_wavelength.wt           1.0 
# 
_diffrn_source.current                     ? 
_diffrn_source.details                     ? 
_diffrn_source.diffrn_id                   1 
_diffrn_source.power                       ? 
_diffrn_source.size                        ? 
_diffrn_source.source                      SYNCHROTRON 
_diffrn_source.target                      ? 
_diffrn_source.type                        'APS BEAMLINE 24-ID-E' 
_diffrn_source.voltage                     ? 
_diffrn_source.take-off_angle              ? 
_diffrn_source.pdbx_wavelength_list        1.104 
_diffrn_source.pdbx_wavelength             ? 
_diffrn_source.pdbx_synchrotron_beamline   24-ID-E 
_diffrn_source.pdbx_synchrotron_site       APS 
# 
_reflns.B_iso_Wilson_estimate                          88.13 
_reflns.entry_id                                       7SXP 
_reflns.data_reduction_details                         ? 
_reflns.data_reduction_method                          ? 
_reflns.d_resolution_high                              2.3 
_reflns.d_resolution_low                               31.53 
_reflns.details                                        ? 
_reflns.limit_h_max                                    ? 
_reflns.limit_h_min                                    ? 
_reflns.limit_k_max                                    ? 
_reflns.limit_k_min                                    ? 
_reflns.limit_l_max                                    ? 
_reflns.limit_l_min                                    ? 
_reflns.number_all                                     ? 
_reflns.number_obs                                     2556 
_reflns.observed_criterion                             ? 
_reflns.observed_criterion_F_max                       ? 
_reflns.observed_criterion_F_min                       ? 
_reflns.observed_criterion_I_max                       ? 
_reflns.observed_criterion_I_min                       ? 
_reflns.observed_criterion_sigma_F                     ? 
_reflns.observed_criterion_sigma_I                     ? 
_reflns.percent_possible_obs                           99.6 
_reflns.R_free_details                                 ? 
_reflns.Rmerge_F_all                                   ? 
_reflns.Rmerge_F_obs                                   ? 
_reflns.Friedel_coverage                               ? 
_reflns.number_gt                                      ? 
_reflns.threshold_expression                           ? 
_reflns.pdbx_redundancy                                17.4 
_reflns.pdbx_netI_over_av_sigmaI                       ? 
_reflns.pdbx_netI_over_sigmaI                          5.3 
_reflns.pdbx_res_netI_over_av_sigmaI_2                 ? 
_reflns.pdbx_res_netI_over_sigmaI_2                    ? 
_reflns.pdbx_chi_squared                               ? 
_reflns.pdbx_scaling_rejects                           ? 
_reflns.pdbx_d_res_high_opt                            ? 
_reflns.pdbx_d_res_low_opt                             ? 
_reflns.pdbx_d_res_opt_method                          ? 
_reflns.phase_calculation_details                      ? 
_reflns.pdbx_Rrim_I_all                                ? 
_reflns.pdbx_Rpim_I_all                                0.058 
_reflns.pdbx_d_opt                                     ? 
_reflns.pdbx_number_measured_all                       ? 
_reflns.pdbx_diffrn_id                                 1 
_reflns.pdbx_ordinal                                   1 
_reflns.pdbx_CC_half                                   0.996 
_reflns.pdbx_CC_star                                   ? 
_reflns.pdbx_R_split                                   ? 
_reflns.pdbx_Rmerge_I_obs                              ? 
_reflns.pdbx_Rmerge_I_all                              ? 
_reflns.pdbx_Rsym_value                                ? 
_reflns.pdbx_CC_split_method                           ? 
_reflns.pdbx_aniso_diffraction_limit_axis_1_ortho[1]   ? 
_reflns.pdbx_aniso_diffraction_limit_axis_1_ortho[2]   ? 
_reflns.pdbx_aniso_diffraction_limit_axis_1_ortho[3]   ? 
_reflns.pdbx_aniso_diffraction_limit_axis_2_ortho[1]   ? 
_reflns.pdbx_aniso_diffraction_limit_axis_2_ortho[2]   ? 
_reflns.pdbx_aniso_diffraction_limit_axis_2_ortho[3]   ? 
_reflns.pdbx_aniso_diffraction_limit_axis_3_ortho[1]   ? 
_reflns.pdbx_aniso_diffraction_limit_axis_3_ortho[2]   ? 
_reflns.pdbx_aniso_diffraction_limit_axis_3_ortho[3]   ? 
_reflns.pdbx_aniso_diffraction_limit_1                 ? 
_reflns.pdbx_aniso_diffraction_limit_2                 ? 
_reflns.pdbx_aniso_diffraction_limit_3                 ? 
_reflns.pdbx_aniso_B_tensor_eigenvector_1_ortho[1]     ? 
_reflns.pdbx_aniso_B_tensor_eigenvector_1_ortho[2]     ? 
_reflns.pdbx_aniso_B_tensor_eigenvector_1_ortho[3]     ? 
_reflns.pdbx_aniso_B_tensor_eigenvector_2_ortho[1]     ? 
_reflns.pdbx_aniso_B_tensor_eigenvector_2_ortho[2]     ? 
_reflns.pdbx_aniso_B_tensor_eigenvector_2_ortho[3]     ? 
_reflns.pdbx_aniso_B_tensor_eigenvector_3_ortho[1]     ? 
_reflns.pdbx_aniso_B_tensor_eigenvector_3_ortho[2]     ? 
_reflns.pdbx_aniso_B_tensor_eigenvector_3_ortho[3]     ? 
_reflns.pdbx_aniso_B_tensor_eigenvalue_1               ? 
_reflns.pdbx_aniso_B_tensor_eigenvalue_2               ? 
_reflns.pdbx_aniso_B_tensor_eigenvalue_3               ? 
_reflns.pdbx_orthogonalization_convention              ? 
_reflns.pdbx_percent_possible_ellipsoidal              ? 
_reflns.pdbx_percent_possible_spherical                ? 
_reflns.pdbx_percent_possible_ellipsoidal_anomalous    ? 
_reflns.pdbx_percent_possible_spherical_anomalous      ? 
_reflns.pdbx_redundancy_anomalous                      ? 
_reflns.pdbx_CC_half_anomalous                         ? 
_reflns.pdbx_absDiff_over_sigma_anomalous              ? 
_reflns.pdbx_percent_possible_anomalous                ? 
_reflns.pdbx_observed_signal_threshold                 ? 
_reflns.pdbx_signal_type                               ? 
_reflns.pdbx_signal_details                            ? 
_reflns.pdbx_signal_software_id                        ? 
# 
_reflns_shell.d_res_high                                    2.32 
_reflns_shell.d_res_low                                     2.42 
_reflns_shell.meanI_over_sigI_all                           ? 
_reflns_shell.meanI_over_sigI_obs                           1.2 
_reflns_shell.number_measured_all                           ? 
_reflns_shell.number_measured_obs                           ? 
_reflns_shell.number_possible                               ? 
_reflns_shell.number_unique_all                             ? 
_reflns_shell.number_unique_obs                             305 
_reflns_shell.percent_possible_obs                          ? 
_reflns_shell.Rmerge_F_all                                  ? 
_reflns_shell.Rmerge_F_obs                                  ? 
_reflns_shell.meanI_over_sigI_gt                            ? 
_reflns_shell.meanI_over_uI_all                             ? 
_reflns_shell.meanI_over_uI_gt                              ? 
_reflns_shell.number_measured_gt                            ? 
_reflns_shell.number_unique_gt                              ? 
_reflns_shell.percent_possible_gt                           ? 
_reflns_shell.Rmerge_F_gt                                   ? 
_reflns_shell.Rmerge_I_gt                                   ? 
_reflns_shell.pdbx_redundancy                               ? 
_reflns_shell.pdbx_chi_squared                              ? 
_reflns_shell.pdbx_netI_over_sigmaI_all                     ? 
_reflns_shell.pdbx_netI_over_sigmaI_obs                     ? 
_reflns_shell.pdbx_Rrim_I_all                               ? 
_reflns_shell.pdbx_Rpim_I_all                               0.678 
_reflns_shell.pdbx_rejects                                  ? 
_reflns_shell.pdbx_ordinal                                  1 
_reflns_shell.pdbx_diffrn_id                                1 
_reflns_shell.pdbx_CC_half                                  0.468 
_reflns_shell.pdbx_CC_star                                  ? 
_reflns_shell.pdbx_R_split                                  ? 
_reflns_shell.percent_possible_all                          ? 
_reflns_shell.Rmerge_I_all                                  ? 
_reflns_shell.Rmerge_I_obs                                  ? 
_reflns_shell.pdbx_Rsym_value                               ? 
_reflns_shell.pdbx_percent_possible_ellipsoidal             ? 
_reflns_shell.pdbx_percent_possible_spherical               ? 
_reflns_shell.pdbx_percent_possible_ellipsoidal_anomalous   ? 
_reflns_shell.pdbx_percent_possible_spherical_anomalous     ? 
_reflns_shell.pdbx_redundancy_anomalous                     ? 
_reflns_shell.pdbx_CC_half_anomalous                        ? 
_reflns_shell.pdbx_absDiff_over_sigma_anomalous             ? 
_reflns_shell.pdbx_percent_possible_anomalous               ? 
# 
_refine.aniso_B[1][1]                            ? 
_refine.aniso_B[1][2]                            ? 
_refine.aniso_B[1][3]                            ? 
_refine.aniso_B[2][2]                            ? 
_refine.aniso_B[2][3]                            ? 
_refine.aniso_B[3][3]                            ? 
_refine.B_iso_max                                ? 
_refine.B_iso_mean                               83.24 
_refine.B_iso_min                                ? 
_refine.correlation_coeff_Fo_to_Fc               ? 
_refine.correlation_coeff_Fo_to_Fc_free          ? 
_refine.details                                  ? 
_refine.diff_density_max                         ? 
_refine.diff_density_max_esd                     ? 
_refine.diff_density_min                         ? 
_refine.diff_density_min_esd                     ? 
_refine.diff_density_rms                         ? 
_refine.diff_density_rms_esd                     ? 
_refine.entry_id                                 7SXP 
_refine.pdbx_refine_id                           'X-RAY DIFFRACTION' 
_refine.ls_abs_structure_details                 ? 
_refine.ls_abs_structure_Flack                   ? 
_refine.ls_abs_structure_Flack_esd               ? 
_refine.ls_abs_structure_Rogers                  ? 
_refine.ls_abs_structure_Rogers_esd              ? 
_refine.ls_d_res_high                            2.90 
_refine.ls_d_res_low                             31.53 
_refine.ls_extinction_coef                       ? 
_refine.ls_extinction_coef_esd                   ? 
_refine.ls_extinction_expression                 ? 
_refine.ls_extinction_method                     ? 
_refine.ls_goodness_of_fit_all                   ? 
_refine.ls_goodness_of_fit_all_esd               ? 
_refine.ls_goodness_of_fit_obs                   ? 
_refine.ls_goodness_of_fit_obs_esd               ? 
_refine.ls_hydrogen_treatment                    ? 
_refine.ls_matrix_type                           ? 
_refine.ls_number_constraints                    ? 
_refine.ls_number_parameters                     ? 
_refine.ls_number_reflns_all                     ? 
_refine.ls_number_reflns_obs                     1331 
_refine.ls_number_reflns_R_free                  61 
_refine.ls_number_reflns_R_work                  1270 
_refine.ls_number_restraints                     ? 
_refine.ls_percent_reflns_obs                    98.37 
_refine.ls_percent_reflns_R_free                 4.58 
_refine.ls_R_factor_all                          ? 
_refine.ls_R_factor_obs                          0.2421 
_refine.ls_R_factor_R_free                       0.2772 
_refine.ls_R_factor_R_free_error                 ? 
_refine.ls_R_factor_R_free_error_details         ? 
_refine.ls_R_factor_R_work                       0.2408 
_refine.ls_R_Fsqd_factor_obs                     ? 
_refine.ls_R_I_factor_obs                        ? 
_refine.ls_redundancy_reflns_all                 ? 
_refine.ls_redundancy_reflns_obs                 ? 
_refine.ls_restrained_S_all                      ? 
_refine.ls_restrained_S_obs                      ? 
_refine.ls_shift_over_esd_max                    ? 
_refine.ls_shift_over_esd_mean                   ? 
_refine.ls_structure_factor_coef                 ? 
_refine.ls_weighting_details                     ? 
_refine.ls_weighting_scheme                      ? 
_refine.ls_wR_factor_all                         ? 
_refine.ls_wR_factor_obs                         ? 
_refine.ls_wR_factor_R_free                      ? 
_refine.ls_wR_factor_R_work                      ? 
_refine.occupancy_max                            ? 
_refine.occupancy_min                            ? 
_refine.solvent_model_details                    'FLAT BULK SOLVENT MODEL' 
_refine.solvent_model_param_bsol                 ? 
_refine.solvent_model_param_ksol                 ? 
_refine.pdbx_R_complete                          ? 
_refine.ls_R_factor_gt                           ? 
_refine.ls_goodness_of_fit_gt                    ? 
_refine.ls_goodness_of_fit_ref                   ? 
_refine.ls_shift_over_su_max                     ? 
_refine.ls_shift_over_su_max_lt                  ? 
_refine.ls_shift_over_su_mean                    ? 
_refine.ls_shift_over_su_mean_lt                 ? 
_refine.pdbx_ls_sigma_I                          ? 
_refine.pdbx_ls_sigma_F                          1.38 
_refine.pdbx_ls_sigma_Fsqd                       ? 
_refine.pdbx_data_cutoff_high_absF               ? 
_refine.pdbx_data_cutoff_high_rms_absF           ? 
_refine.pdbx_data_cutoff_low_absF                ? 
_refine.pdbx_isotropic_thermal_model             ? 
_refine.pdbx_ls_cross_valid_method               'FREE R-VALUE' 
_refine.pdbx_method_to_determine_struct          'MOLECULAR REPLACEMENT' 
_refine.pdbx_starting_model                      ? 
_refine.pdbx_stereochemistry_target_values       'GeoStd + Monomer Library + CDL v1.2' 
_refine.pdbx_R_Free_selection_details            ? 
_refine.pdbx_stereochem_target_val_spec_case     ? 
_refine.pdbx_overall_ESU_R                       ? 
_refine.pdbx_overall_ESU_R_Free                  ? 
_refine.pdbx_solvent_vdw_probe_radii             1.1000 
_refine.pdbx_solvent_ion_probe_radii             ? 
_refine.pdbx_solvent_shrinkage_radii             0.9000 
_refine.pdbx_real_space_R                        ? 
_refine.pdbx_density_correlation                 ? 
_refine.pdbx_pd_number_of_powder_patterns        ? 
_refine.pdbx_pd_number_of_points                 ? 
_refine.pdbx_pd_meas_number_of_points            ? 
_refine.pdbx_pd_proc_ls_prof_R_factor            ? 
_refine.pdbx_pd_proc_ls_prof_wR_factor           ? 
_refine.pdbx_pd_Marquardt_correlation_coeff      ? 
_refine.pdbx_pd_Fsqrd_R_factor                   ? 
_refine.pdbx_pd_ls_matrix_band_width             ? 
_refine.pdbx_overall_phase_error                 22.7152 
_refine.pdbx_overall_SU_R_free_Cruickshank_DPI   ? 
_refine.pdbx_overall_SU_R_free_Blow_DPI          ? 
_refine.pdbx_overall_SU_R_Blow_DPI               ? 
_refine.pdbx_TLS_residual_ADP_flag               ? 
_refine.pdbx_diffrn_id                           1 
_refine.overall_SU_B                             ? 
_refine.overall_SU_ML                            0.1496 
_refine.overall_SU_R_Cruickshank_DPI             ? 
_refine.overall_SU_R_free                        ? 
_refine.overall_FOM_free_R_set                   ? 
_refine.overall_FOM_work_R_set                   ? 
_refine.pdbx_average_fsc_overall                 ? 
_refine.pdbx_average_fsc_work                    ? 
_refine.pdbx_average_fsc_free                    ? 
# 
_refine_hist.pdbx_refine_id                   'X-RAY DIFFRACTION' 
_refine_hist.cycle_id                         LAST 
_refine_hist.details                          ? 
_refine_hist.d_res_high                       2.90 
_refine_hist.d_res_low                        31.53 
_refine_hist.number_atoms_solvent             0 
_refine_hist.number_atoms_total               425 
_refine_hist.number_reflns_all                ? 
_refine_hist.number_reflns_obs                ? 
_refine_hist.number_reflns_R_free             ? 
_refine_hist.number_reflns_R_work             ? 
_refine_hist.R_factor_all                     ? 
_refine_hist.R_factor_obs                     ? 
_refine_hist.R_factor_R_free                  ? 
_refine_hist.R_factor_R_work                  ? 
_refine_hist.pdbx_number_residues_total       ? 
_refine_hist.pdbx_B_iso_mean_ligand           ? 
_refine_hist.pdbx_B_iso_mean_solvent          ? 
_refine_hist.pdbx_number_atoms_protein        0 
_refine_hist.pdbx_number_atoms_nucleic_acid   412 
_refine_hist.pdbx_number_atoms_ligand         13 
_refine_hist.pdbx_number_atoms_lipid          ? 
_refine_hist.pdbx_number_atoms_carb           ? 
_refine_hist.pdbx_pseudo_atom_details         ? 
# 
loop_
_refine_ls_restr.pdbx_refine_id 
_refine_ls_restr.criterion 
_refine_ls_restr.dev_ideal 
_refine_ls_restr.dev_ideal_target 
_refine_ls_restr.number 
_refine_ls_restr.rejects 
_refine_ls_restr.type 
_refine_ls_restr.weight 
_refine_ls_restr.pdbx_restraint_function 
'X-RAY DIFFRACTION' ? 0.0031  ? 468 ? f_bond_d           ? ? 
'X-RAY DIFFRACTION' ? 0.6193  ? 732 ? f_angle_d          ? ? 
'X-RAY DIFFRACTION' ? 0.0459  ? 96  ? f_chiral_restr     ? ? 
'X-RAY DIFFRACTION' ? 0.0065  ? 17  ? f_plane_restr      ? ? 
'X-RAY DIFFRACTION' ? 19.3227 ? 223 ? f_dihedral_angle_d ? ? 
# 
_refine_ls_shell.pdbx_refine_id                   'X-RAY DIFFRACTION' 
_refine_ls_shell.d_res_high                       2.90 
_refine_ls_shell.d_res_low                        31.53 
_refine_ls_shell.number_reflns_all                ? 
_refine_ls_shell.number_reflns_obs                ? 
_refine_ls_shell.number_reflns_R_free             61 
_refine_ls_shell.number_reflns_R_work             1270 
_refine_ls_shell.percent_reflns_obs               98.37 
_refine_ls_shell.percent_reflns_R_free            ? 
_refine_ls_shell.R_factor_all                     ? 
_refine_ls_shell.R_factor_obs                     ? 
_refine_ls_shell.R_factor_R_free_error            ? 
_refine_ls_shell.R_factor_R_work                  0.2408 
_refine_ls_shell.redundancy_reflns_all            ? 
_refine_ls_shell.redundancy_reflns_obs            ? 
_refine_ls_shell.wR_factor_all                    ? 
_refine_ls_shell.wR_factor_obs                    ? 
_refine_ls_shell.wR_factor_R_free                 ? 
_refine_ls_shell.wR_factor_R_work                 ? 
_refine_ls_shell.pdbx_R_complete                  ? 
_refine_ls_shell.pdbx_total_number_of_bins_used   ? 
_refine_ls_shell.pdbx_phase_error                 ? 
_refine_ls_shell.pdbx_fsc_work                    ? 
_refine_ls_shell.pdbx_fsc_free                    ? 
_refine_ls_shell.R_factor_R_free                  0.2772 
# 
_struct.entry_id                     7SXP 
_struct.title                        'G-quadruplex structure formed in the NRAS mRNA with a G8U substitution' 
_struct.pdbx_model_details           ? 
_struct.pdbx_formula_weight          ? 
_struct.pdbx_formula_weight_method   ? 
_struct.pdbx_model_type_details      ? 
_struct.pdbx_CASP_flag               N 
# 
_struct_keywords.entry_id        7SXP 
_struct_keywords.text            'G-quadruplex, NRAS, RNA' 
_struct_keywords.pdbx_keywords   RNA 
# 
loop_
_struct_asym.id 
_struct_asym.pdbx_blank_PDB_chainid_flag 
_struct_asym.pdbx_modified 
_struct_asym.entity_id 
_struct_asym.details 
A N N 1 ? 
B N N 2 ? 
C N N 2 ? 
D N N 2 ? 
E N N 3 ? 
F N N 3 ? 
# 
_struct_ref.id                         1 
_struct_ref.db_name                    PDB 
_struct_ref.db_code                    7SXP 
_struct_ref.pdbx_db_accession          7SXP 
_struct_ref.pdbx_db_isoform            ? 
_struct_ref.entity_id                  1 
_struct_ref.pdbx_seq_one_letter_code   ? 
_struct_ref.pdbx_align_begin           1 
# 
_struct_ref_seq.align_id                      1 
_struct_ref_seq.ref_id                        1 
_struct_ref_seq.pdbx_PDB_id_code              7SXP 
_struct_ref_seq.pdbx_strand_id                A 
_struct_ref_seq.seq_align_beg                 1 
_struct_ref_seq.pdbx_seq_align_beg_ins_code   ? 
_struct_ref_seq.seq_align_end                 22 
_struct_ref_seq.pdbx_seq_align_end_ins_code   ? 
_struct_ref_seq.pdbx_db_accession             7SXP 
_struct_ref_seq.db_align_beg                  1 
_struct_ref_seq.pdbx_db_align_beg_ins_code    ? 
_struct_ref_seq.db_align_end                  22 
_struct_ref_seq.pdbx_db_align_end_ins_code    ? 
_struct_ref_seq.pdbx_auth_seq_align_beg       1 
_struct_ref_seq.pdbx_auth_seq_align_end       22 
# 
_pdbx_struct_assembly.id                   1 
_pdbx_struct_assembly.details              author_defined_assembly 
_pdbx_struct_assembly.method_details       ? 
_pdbx_struct_assembly.oligomeric_details   monomeric 
_pdbx_struct_assembly.oligomeric_count     1 
# 
_pdbx_struct_assembly_gen.assembly_id       1 
_pdbx_struct_assembly_gen.oper_expression   1 
_pdbx_struct_assembly_gen.asym_id_list      A,B,C,D,E,F 
# 
_pdbx_struct_assembly_auth_evidence.id                     1 
_pdbx_struct_assembly_auth_evidence.assembly_id            1 
_pdbx_struct_assembly_auth_evidence.experimental_support   'native gel electrophoresis' 
_pdbx_struct_assembly_auth_evidence.details                ? 
# 
_pdbx_struct_oper_list.id                   1 
_pdbx_struct_oper_list.type                 'identity operation' 
_pdbx_struct_oper_list.name                 1_555 
_pdbx_struct_oper_list.symmetry_operation   x,y,z 
_pdbx_struct_oper_list.matrix[1][1]         1.0000000000 
_pdbx_struct_oper_list.matrix[1][2]         0.0000000000 
_pdbx_struct_oper_list.matrix[1][3]         0.0000000000 
_pdbx_struct_oper_list.vector[1]            0.0000000000 
_pdbx_struct_oper_list.matrix[2][1]         0.0000000000 
_pdbx_struct_oper_list.matrix[2][2]         1.0000000000 
_pdbx_struct_oper_list.matrix[2][3]         0.0000000000 
_pdbx_struct_oper_list.vector[2]            0.0000000000 
_pdbx_struct_oper_list.matrix[3][1]         0.0000000000 
_pdbx_struct_oper_list.matrix[3][2]         0.0000000000 
_pdbx_struct_oper_list.matrix[3][3]         1.0000000000 
_pdbx_struct_oper_list.vector[3]            0.0000000000 
# 
loop_
_struct_conn.id 
_struct_conn.conn_type_id 
_struct_conn.pdbx_leaving_atom_flag 
_struct_conn.pdbx_PDB_id 
_struct_conn.ptnr1_label_asym_id 
_struct_conn.ptnr1_label_comp_id 
_struct_conn.ptnr1_label_seq_id 
_struct_conn.ptnr1_label_atom_id 
_struct_conn.pdbx_ptnr1_label_alt_id 
_struct_conn.pdbx_ptnr1_PDB_ins_code 
_struct_conn.pdbx_ptnr1_standard_comp_id 
_struct_conn.ptnr1_symmetry 
_struct_conn.ptnr2_label_asym_id 
_struct_conn.ptnr2_label_comp_id 
_struct_conn.ptnr2_label_seq_id 
_struct_conn.ptnr2_label_atom_id 
_struct_conn.pdbx_ptnr2_label_alt_id 
_struct_conn.pdbx_ptnr2_PDB_ins_code 
_struct_conn.ptnr1_auth_asym_id 
_struct_conn.ptnr1_auth_comp_id 
_struct_conn.ptnr1_auth_seq_id 
_struct_conn.ptnr2_auth_asym_id 
_struct_conn.ptnr2_auth_comp_id 
_struct_conn.ptnr2_auth_seq_id 
_struct_conn.ptnr2_symmetry 
_struct_conn.pdbx_ptnr3_label_atom_id 
_struct_conn.pdbx_ptnr3_label_seq_id 
_struct_conn.pdbx_ptnr3_label_comp_id 
_struct_conn.pdbx_ptnr3_label_asym_id 
_struct_conn.pdbx_ptnr3_label_alt_id 
_struct_conn.pdbx_ptnr3_PDB_ins_code 
_struct_conn.details 
_struct_conn.pdbx_dist_value 
_struct_conn.pdbx_value_order 
_struct_conn.pdbx_role 
metalc1  metalc ? ? A G 4  O6 ? ? ? 1_555 B K .  K  ? ? A G 4  A K 101 1_555 ? ? ? ? ? ? ?             3.097 ? ? 
metalc2  metalc ? ? A G 4  O6 ? ? ? 1_555 B K .  K  ? ? A G 4  A K 101 4_555 ? ? ? ? ? ? ?             3.097 ? ? 
metalc3  metalc ? ? A G 4  O6 ? ? ? 1_555 C K .  K  ? ? A G 4  A K 102 1_555 ? ? ? ? ? ? ?             2.646 ? ? 
metalc4  metalc ? ? A G 5  O6 ? ? ? 1_555 C K .  K  ? ? A G 5  A K 102 1_555 ? ? ? ? ? ? ?             2.736 ? ? 
metalc5  metalc ? ? A G 5  O6 ? ? ? 1_555 D K .  K  ? ? A G 5  A K 103 1_555 ? ? ? ? ? ? ?             2.839 ? ? 
metalc6  metalc ? ? A G 6  O6 ? ? ? 1_555 D K .  K  ? ? A G 6  A K 103 1_555 ? ? ? ? ? ? ?             2.712 ? ? 
metalc7  metalc ? ? A G 9  O6 ? ? ? 1_555 B K .  K  ? ? A G 9  A K 101 1_555 ? ? ? ? ? ? ?             2.723 ? ? 
metalc8  metalc ? ? A G 9  O6 ? ? ? 1_555 B K .  K  ? ? A G 9  A K 101 4_555 ? ? ? ? ? ? ?             2.723 ? ? 
metalc9  metalc ? ? A G 9  O6 ? ? ? 1_555 C K .  K  ? ? A G 9  A K 102 1_555 ? ? ? ? ? ? ?             2.707 ? ? 
metalc10 metalc ? ? A G 10 O6 ? ? ? 1_555 C K .  K  ? ? A G 10 A K 102 1_555 ? ? ? ? ? ? ?             2.784 ? ? 
metalc11 metalc ? ? A G 10 O6 ? ? ? 1_555 D K .  K  ? ? A G 10 A K 103 1_555 ? ? ? ? ? ? ?             2.690 ? ? 
metalc12 metalc ? ? A G 11 O6 ? ? ? 1_555 D K .  K  ? ? A G 11 A K 103 1_555 ? ? ? ? ? ? ?             2.732 ? ? 
metalc13 metalc ? ? A G 13 O6 ? ? ? 1_555 B K .  K  ? ? A G 13 A K 101 1_555 ? ? ? ? ? ? ?             2.569 ? ? 
metalc14 metalc ? ? A G 13 O6 ? ? ? 1_555 B K .  K  ? ? A G 13 A K 101 4_555 ? ? ? ? ? ? ?             2.569 ? ? 
metalc15 metalc ? ? A G 13 O6 ? ? ? 1_555 C K .  K  ? ? A G 13 A K 102 1_555 ? ? ? ? ? ? ?             2.737 ? ? 
metalc16 metalc ? ? A G 14 O6 ? ? ? 1_555 C K .  K  ? ? A G 14 A K 102 1_555 ? ? ? ? ? ? ?             2.752 ? ? 
metalc17 metalc ? ? A G 14 O6 ? ? ? 1_555 D K .  K  ? ? A G 14 A K 103 1_555 ? ? ? ? ? ? ?             2.939 ? ? 
metalc18 metalc ? ? A G 15 O6 ? ? ? 1_555 D K .  K  ? ? A G 15 A K 103 1_555 ? ? ? ? ? ? ?             2.715 ? ? 
metalc19 metalc ? ? A G 19 O6 ? ? ? 1_555 B K .  K  ? ? A G 19 A K 101 1_555 ? ? ? ? ? ? ?             2.746 ? ? 
metalc20 metalc ? ? A G 19 O6 ? ? ? 1_555 B K .  K  ? ? A G 19 A K 101 4_555 ? ? ? ? ? ? ?             2.746 ? ? 
metalc21 metalc ? ? A G 19 O6 ? ? ? 1_555 C K .  K  ? ? A G 19 A K 102 1_555 ? ? ? ? ? ? ?             2.767 ? ? 
metalc22 metalc ? ? A G 20 O6 ? ? ? 1_555 C K .  K  ? ? A G 20 A K 102 1_555 ? ? ? ? ? ? ?             2.701 ? ? 
metalc23 metalc ? ? A G 20 O6 ? ? ? 1_555 D K .  K  ? ? A G 20 A K 103 1_555 ? ? ? ? ? ? ?             3.177 ? ? 
metalc24 metalc ? ? A G 21 O6 ? ? ? 1_555 D K .  K  ? ? A G 21 A K 103 1_555 ? ? ? ? ? ? ?             2.619 ? ? 
hydrog1  hydrog ? ? A G 2  N2 ? ? ? 1_555 A A 22 N3 ? ? A G 2  A A 22  1_555 ? ? ? ? ? ? 'G-A MISPAIR' ?     ? ? 
hydrog2  hydrog ? ? A G 4  N1 ? ? ? 1_555 A G 9  O6 ? ? A G 4  A G 9   1_555 ? ? ? ? ? ? TYPE_6_PAIR   ?     ? ? 
hydrog3  hydrog ? ? A G 4  N2 ? ? ? 1_555 A G 9  N7 ? ? A G 4  A G 9   1_555 ? ? ? ? ? ? TYPE_6_PAIR   ?     ? ? 
hydrog4  hydrog ? ? A G 4  N7 ? ? ? 1_555 A G 19 N2 ? ? A G 4  A G 19  1_555 ? ? ? ? ? ? TYPE_6_PAIR   ?     ? ? 
hydrog5  hydrog ? ? A G 4  O6 ? ? ? 1_555 A G 19 N1 ? ? A G 4  A G 19  1_555 ? ? ? ? ? ? TYPE_6_PAIR   ?     ? ? 
hydrog6  hydrog ? ? A G 5  N1 ? ? ? 1_555 A G 10 O6 ? ? A G 5  A G 10  1_555 ? ? ? ? ? ? TYPE_6_PAIR   ?     ? ? 
hydrog7  hydrog ? ? A G 5  N2 ? ? ? 1_555 A G 10 N7 ? ? A G 5  A G 10  1_555 ? ? ? ? ? ? TYPE_6_PAIR   ?     ? ? 
hydrog8  hydrog ? ? A G 5  N7 ? ? ? 1_555 A G 20 N2 ? ? A G 5  A G 20  1_555 ? ? ? ? ? ? TYPE_6_PAIR   ?     ? ? 
hydrog9  hydrog ? ? A G 5  O6 ? ? ? 1_555 A G 20 N1 ? ? A G 5  A G 20  1_555 ? ? ? ? ? ? TYPE_6_PAIR   ?     ? ? 
hydrog10 hydrog ? ? A G 5  N7 ? ? ? 1_555 A G 21 N2 ? ? A G 5  A G 21  1_555 ? ? ? ? ? ? TYPE_6_PAIR   ?     ? ? 
hydrog11 hydrog ? ? A G 5  O6 ? ? ? 1_555 A G 21 N1 ? ? A G 5  A G 21  1_555 ? ? ? ? ? ? TYPE_6_PAIR   ?     ? ? 
hydrog12 hydrog ? ? A G 6  N1 ? ? ? 1_555 A G 11 O6 ? ? A G 6  A G 11  1_555 ? ? ? ? ? ? TYPE_6_PAIR   ?     ? ? 
hydrog13 hydrog ? ? A G 6  N2 ? ? ? 1_555 A G 11 N7 ? ? A G 6  A G 11  1_555 ? ? ? ? ? ? TYPE_6_PAIR   ?     ? ? 
hydrog14 hydrog ? ? A G 6  N7 ? ? ? 1_555 A G 21 N2 ? ? A G 6  A G 21  1_555 ? ? ? ? ? ? TYPE_6_PAIR   ?     ? ? 
hydrog15 hydrog ? ? A G 6  O6 ? ? ? 1_555 A G 21 N1 ? ? A G 6  A G 21  1_555 ? ? ? ? ? ? TYPE_6_PAIR   ?     ? ? 
hydrog16 hydrog ? ? A G 9  N1 ? ? ? 1_555 A G 13 O6 ? ? A G 9  A G 13  1_555 ? ? ? ? ? ? TYPE_6_PAIR   ?     ? ? 
hydrog17 hydrog ? ? A G 9  N2 ? ? ? 1_555 A G 13 N7 ? ? A G 9  A G 13  1_555 ? ? ? ? ? ? TYPE_6_PAIR   ?     ? ? 
hydrog18 hydrog ? ? A G 10 N1 ? ? ? 1_555 A G 14 O6 ? ? A G 10 A G 14  1_555 ? ? ? ? ? ? TYPE_6_PAIR   ?     ? ? 
hydrog19 hydrog ? ? A G 10 N2 ? ? ? 1_555 A G 14 N7 ? ? A G 10 A G 14  1_555 ? ? ? ? ? ? TYPE_6_PAIR   ?     ? ? 
hydrog20 hydrog ? ? A G 11 N1 ? ? ? 1_555 A G 15 O6 ? ? A G 11 A G 15  1_555 ? ? ? ? ? ? TYPE_6_PAIR   ?     ? ? 
hydrog21 hydrog ? ? A G 11 N2 ? ? ? 1_555 A G 15 N7 ? ? A G 11 A G 15  1_555 ? ? ? ? ? ? TYPE_6_PAIR   ?     ? ? 
hydrog22 hydrog ? ? A G 13 N1 ? ? ? 1_555 A G 19 O6 ? ? A G 13 A G 19  1_555 ? ? ? ? ? ? TYPE_6_PAIR   ?     ? ? 
hydrog23 hydrog ? ? A G 13 N2 ? ? ? 1_555 A G 19 N7 ? ? A G 13 A G 19  1_555 ? ? ? ? ? ? TYPE_6_PAIR   ?     ? ? 
hydrog24 hydrog ? ? A G 14 N1 ? ? ? 1_555 A G 20 O6 ? ? A G 14 A G 20  1_555 ? ? ? ? ? ? TYPE_6_PAIR   ?     ? ? 
hydrog25 hydrog ? ? A G 14 N2 ? ? ? 1_555 A G 20 N7 ? ? A G 14 A G 20  1_555 ? ? ? ? ? ? TYPE_6_PAIR   ?     ? ? 
hydrog26 hydrog ? ? A G 15 N1 ? ? ? 1_555 A G 21 O6 ? ? A G 15 A G 21  1_555 ? ? ? ? ? ? TYPE_6_PAIR   ?     ? ? 
hydrog27 hydrog ? ? A G 15 N2 ? ? ? 1_555 A G 21 N7 ? ? A G 15 A G 21  1_555 ? ? ? ? ? ? TYPE_6_PAIR   ?     ? ? 
# 
loop_
_struct_conn_type.id 
_struct_conn_type.criteria 
_struct_conn_type.reference 
metalc ? ? 
hydrog ? ? 
# 
loop_
_pdbx_struct_conn_angle.id 
_pdbx_struct_conn_angle.ptnr1_label_atom_id 
_pdbx_struct_conn_angle.ptnr1_label_alt_id 
_pdbx_struct_conn_angle.ptnr1_label_asym_id 
_pdbx_struct_conn_angle.ptnr1_label_comp_id 
_pdbx_struct_conn_angle.ptnr1_label_seq_id 
_pdbx_struct_conn_angle.ptnr1_auth_atom_id 
_pdbx_struct_conn_angle.ptnr1_auth_asym_id 
_pdbx_struct_conn_angle.ptnr1_auth_comp_id 
_pdbx_struct_conn_angle.ptnr1_auth_seq_id 
_pdbx_struct_conn_angle.ptnr1_PDB_ins_code 
_pdbx_struct_conn_angle.ptnr1_symmetry 
_pdbx_struct_conn_angle.ptnr2_label_atom_id 
_pdbx_struct_conn_angle.ptnr2_label_alt_id 
_pdbx_struct_conn_angle.ptnr2_label_asym_id 
_pdbx_struct_conn_angle.ptnr2_label_comp_id 
_pdbx_struct_conn_angle.ptnr2_label_seq_id 
_pdbx_struct_conn_angle.ptnr2_auth_atom_id 
_pdbx_struct_conn_angle.ptnr2_auth_asym_id 
_pdbx_struct_conn_angle.ptnr2_auth_comp_id 
_pdbx_struct_conn_angle.ptnr2_auth_seq_id 
_pdbx_struct_conn_angle.ptnr2_PDB_ins_code 
_pdbx_struct_conn_angle.ptnr2_symmetry 
_pdbx_struct_conn_angle.ptnr3_label_atom_id 
_pdbx_struct_conn_angle.ptnr3_label_alt_id 
_pdbx_struct_conn_angle.ptnr3_label_asym_id 
_pdbx_struct_conn_angle.ptnr3_label_comp_id 
_pdbx_struct_conn_angle.ptnr3_label_seq_id 
_pdbx_struct_conn_angle.ptnr3_auth_atom_id 
_pdbx_struct_conn_angle.ptnr3_auth_asym_id 
_pdbx_struct_conn_angle.ptnr3_auth_comp_id 
_pdbx_struct_conn_angle.ptnr3_auth_seq_id 
_pdbx_struct_conn_angle.ptnr3_PDB_ins_code 
_pdbx_struct_conn_angle.ptnr3_symmetry 
_pdbx_struct_conn_angle.value 
_pdbx_struct_conn_angle.value_esd 
1  O6 ? A G 4  ? A G 4  ? 1_555 K ? B K . ? A K 101 ? 1_555 O6 ? A G 4  ? A G 4  ? 1_555 0.0   ? 
2  O6 ? A G 4  ? A G 4  ? 1_555 K ? B K . ? A K 101 ? 1_555 O6 ? A G 9  ? A G 9  ? 1_555 63.4  ? 
3  O6 ? A G 4  ? A G 4  ? 1_555 K ? B K . ? A K 101 ? 1_555 O6 ? A G 9  ? A G 9  ? 1_555 63.4  ? 
4  O6 ? A G 4  ? A G 4  ? 1_555 K ? B K . ? A K 101 ? 1_555 O6 ? A G 9  ? A G 9  ? 1_555 63.4  ? 
5  O6 ? A G 4  ? A G 4  ? 1_555 K ? B K . ? A K 101 ? 1_555 O6 ? A G 9  ? A G 9  ? 1_555 63.4  ? 
6  O6 ? A G 9  ? A G 9  ? 1_555 K ? B K . ? A K 101 ? 1_555 O6 ? A G 9  ? A G 9  ? 1_555 0.0   ? 
7  O6 ? A G 4  ? A G 4  ? 1_555 K ? B K . ? A K 101 ? 1_555 O6 ? A G 13 ? A G 13 ? 1_555 103.3 ? 
8  O6 ? A G 4  ? A G 4  ? 1_555 K ? B K . ? A K 101 ? 1_555 O6 ? A G 13 ? A G 13 ? 1_555 103.3 ? 
9  O6 ? A G 9  ? A G 9  ? 1_555 K ? B K . ? A K 101 ? 1_555 O6 ? A G 13 ? A G 13 ? 1_555 79.7  ? 
10 O6 ? A G 9  ? A G 9  ? 1_555 K ? B K . ? A K 101 ? 1_555 O6 ? A G 13 ? A G 13 ? 1_555 79.7  ? 
11 O6 ? A G 4  ? A G 4  ? 1_555 K ? B K . ? A K 101 ? 1_555 O6 ? A G 13 ? A G 13 ? 1_555 103.3 ? 
12 O6 ? A G 4  ? A G 4  ? 1_555 K ? B K . ? A K 101 ? 1_555 O6 ? A G 13 ? A G 13 ? 1_555 103.3 ? 
13 O6 ? A G 9  ? A G 9  ? 1_555 K ? B K . ? A K 101 ? 1_555 O6 ? A G 13 ? A G 13 ? 1_555 79.7  ? 
14 O6 ? A G 9  ? A G 9  ? 1_555 K ? B K . ? A K 101 ? 1_555 O6 ? A G 13 ? A G 13 ? 1_555 79.7  ? 
15 O6 ? A G 13 ? A G 13 ? 1_555 K ? B K . ? A K 101 ? 1_555 O6 ? A G 13 ? A G 13 ? 1_555 0.0   ? 
16 O6 ? A G 4  ? A G 4  ? 1_555 K ? B K . ? A K 101 ? 1_555 O6 ? A G 19 ? A G 19 ? 1_555 64.1  ? 
17 O6 ? A G 4  ? A G 4  ? 1_555 K ? B K . ? A K 101 ? 1_555 O6 ? A G 19 ? A G 19 ? 1_555 64.1  ? 
18 O6 ? A G 9  ? A G 9  ? 1_555 K ? B K . ? A K 101 ? 1_555 O6 ? A G 19 ? A G 19 ? 1_555 106.5 ? 
19 O6 ? A G 9  ? A G 9  ? 1_555 K ? B K . ? A K 101 ? 1_555 O6 ? A G 19 ? A G 19 ? 1_555 106.5 ? 
20 O6 ? A G 13 ? A G 13 ? 1_555 K ? B K . ? A K 101 ? 1_555 O6 ? A G 19 ? A G 19 ? 1_555 66.7  ? 
21 O6 ? A G 13 ? A G 13 ? 1_555 K ? B K . ? A K 101 ? 1_555 O6 ? A G 19 ? A G 19 ? 1_555 66.7  ? 
22 O6 ? A G 4  ? A G 4  ? 1_555 K ? B K . ? A K 101 ? 1_555 O6 ? A G 19 ? A G 19 ? 1_555 64.1  ? 
23 O6 ? A G 4  ? A G 4  ? 1_555 K ? B K . ? A K 101 ? 1_555 O6 ? A G 19 ? A G 19 ? 1_555 64.1  ? 
24 O6 ? A G 9  ? A G 9  ? 1_555 K ? B K . ? A K 101 ? 1_555 O6 ? A G 19 ? A G 19 ? 1_555 106.5 ? 
25 O6 ? A G 9  ? A G 9  ? 1_555 K ? B K . ? A K 101 ? 1_555 O6 ? A G 19 ? A G 19 ? 1_555 106.5 ? 
26 O6 ? A G 13 ? A G 13 ? 1_555 K ? B K . ? A K 101 ? 1_555 O6 ? A G 19 ? A G 19 ? 1_555 66.7  ? 
27 O6 ? A G 13 ? A G 13 ? 1_555 K ? B K . ? A K 101 ? 1_555 O6 ? A G 19 ? A G 19 ? 1_555 66.7  ? 
28 O6 ? A G 19 ? A G 19 ? 1_555 K ? B K . ? A K 101 ? 1_555 O6 ? A G 19 ? A G 19 ? 1_555 0.0   ? 
29 O6 ? A G 4  ? A G 4  ? 1_555 K ? C K . ? A K 102 ? 1_555 O6 ? A G 5  ? A G 5  ? 1_555 73.5  ? 
30 O6 ? A G 4  ? A G 4  ? 1_555 K ? C K . ? A K 102 ? 1_555 O6 ? A G 9  ? A G 9  ? 1_555 70.1  ? 
31 O6 ? A G 5  ? A G 5  ? 1_555 K ? C K . ? A K 102 ? 1_555 O6 ? A G 9  ? A G 9  ? 1_555 87.2  ? 
32 O6 ? A G 4  ? A G 4  ? 1_555 K ? C K . ? A K 102 ? 1_555 O6 ? A G 10 ? A G 10 ? 1_555 135.6 ? 
33 O6 ? A G 5  ? A G 5  ? 1_555 K ? C K . ? A K 102 ? 1_555 O6 ? A G 10 ? A G 10 ? 1_555 70.7  ? 
34 O6 ? A G 9  ? A G 9  ? 1_555 K ? C K . ? A K 102 ? 1_555 O6 ? A G 10 ? A G 10 ? 1_555 82.7  ? 
35 O6 ? A G 4  ? A G 4  ? 1_555 K ? C K . ? A K 102 ? 1_555 O6 ? A G 13 ? A G 13 ? 1_555 111.7 ? 
36 O6 ? A G 5  ? A G 5  ? 1_555 K ? C K . ? A K 102 ? 1_555 O6 ? A G 13 ? A G 13 ? 1_555 160.0 ? 
37 O6 ? A G 9  ? A G 9  ? 1_555 K ? C K . ? A K 102 ? 1_555 O6 ? A G 13 ? A G 13 ? 1_555 77.1  ? 
38 O6 ? A G 10 ? A G 10 ? 1_555 K ? C K . ? A K 102 ? 1_555 O6 ? A G 13 ? A G 13 ? 1_555 94.8  ? 
39 O6 ? A G 4  ? A G 4  ? 1_555 K ? C K . ? A K 102 ? 1_555 O6 ? A G 14 ? A G 14 ? 1_555 147.2 ? 
40 O6 ? A G 5  ? A G 5  ? 1_555 K ? C K . ? A K 102 ? 1_555 O6 ? A G 14 ? A G 14 ? 1_555 105.3 ? 
41 O6 ? A G 9  ? A G 9  ? 1_555 K ? C K . ? A K 102 ? 1_555 O6 ? A G 14 ? A G 14 ? 1_555 142.5 ? 
42 O6 ? A G 10 ? A G 10 ? 1_555 K ? C K . ? A K 102 ? 1_555 O6 ? A G 14 ? A G 14 ? 1_555 69.0  ? 
43 O6 ? A G 13 ? A G 13 ? 1_555 K ? C K . ? A K 102 ? 1_555 O6 ? A G 14 ? A G 14 ? 1_555 81.0  ? 
44 O6 ? A G 4  ? A G 4  ? 1_555 K ? C K . ? A K 102 ? 1_555 O6 ? A G 19 ? A G 19 ? 1_555 70.2  ? 
45 O6 ? A G 5  ? A G 5  ? 1_555 K ? C K . ? A K 102 ? 1_555 O6 ? A G 19 ? A G 19 ? 1_555 133.4 ? 
46 O6 ? A G 9  ? A G 9  ? 1_555 K ? C K . ? A K 102 ? 1_555 O6 ? A G 19 ? A G 19 ? 1_555 106.4 ? 
47 O6 ? A G 10 ? A G 10 ? 1_555 K ? C K . ? A K 102 ? 1_555 O6 ? A G 19 ? A G 19 ? 1_555 153.4 ? 
48 O6 ? A G 13 ? A G 13 ? 1_555 K ? C K . ? A K 102 ? 1_555 O6 ? A G 19 ? A G 19 ? 1_555 64.2  ? 
49 O6 ? A G 14 ? A G 14 ? 1_555 K ? C K . ? A K 102 ? 1_555 O6 ? A G 19 ? A G 19 ? 1_555 90.6  ? 
50 O6 ? A G 4  ? A G 4  ? 1_555 K ? C K . ? A K 102 ? 1_555 O6 ? A G 20 ? A G 20 ? 1_555 80.7  ? 
51 O6 ? A G 5  ? A G 5  ? 1_555 K ? C K . ? A K 102 ? 1_555 O6 ? A G 20 ? A G 20 ? 1_555 67.5  ? 
52 O6 ? A G 9  ? A G 9  ? 1_555 K ? C K . ? A K 102 ? 1_555 O6 ? A G 20 ? A G 20 ? 1_555 145.9 ? 
53 O6 ? A G 10 ? A G 10 ? 1_555 K ? C K . ? A K 102 ? 1_555 O6 ? A G 20 ? A G 20 ? 1_555 108.0 ? 
54 O6 ? A G 13 ? A G 13 ? 1_555 K ? C K . ? A K 102 ? 1_555 O6 ? A G 20 ? A G 20 ? 1_555 131.8 ? 
55 O6 ? A G 14 ? A G 14 ? 1_555 K ? C K . ? A K 102 ? 1_555 O6 ? A G 20 ? A G 20 ? 1_555 69.2  ? 
56 O6 ? A G 19 ? A G 19 ? 1_555 K ? C K . ? A K 102 ? 1_555 O6 ? A G 20 ? A G 20 ? 1_555 78.6  ? 
57 O6 ? A G 5  ? A G 5  ? 1_555 K ? D K . ? A K 103 ? 1_555 O6 ? A G 6  ? A G 6  ? 1_555 76.0  ? 
58 O6 ? A G 5  ? A G 5  ? 1_555 K ? D K . ? A K 103 ? 1_555 O6 ? A G 10 ? A G 10 ? 1_555 70.5  ? 
59 O6 ? A G 6  ? A G 6  ? 1_555 K ? D K . ? A K 103 ? 1_555 O6 ? A G 10 ? A G 10 ? 1_555 95.7  ? 
60 O6 ? A G 5  ? A G 5  ? 1_555 K ? D K . ? A K 103 ? 1_555 O6 ? A G 11 ? A G 11 ? 1_555 126.1 ? 
61 O6 ? A G 6  ? A G 6  ? 1_555 K ? D K . ? A K 103 ? 1_555 O6 ? A G 11 ? A G 11 ? 1_555 67.6  ? 
62 O6 ? A G 10 ? A G 10 ? 1_555 K ? D K . ? A K 103 ? 1_555 O6 ? A G 11 ? A G 11 ? 1_555 75.0  ? 
63 O6 ? A G 5  ? A G 5  ? 1_555 K ? D K . ? A K 103 ? 1_555 O6 ? A G 14 ? A G 14 ? 1_555 98.0  ? 
64 O6 ? A G 6  ? A G 6  ? 1_555 K ? D K . ? A K 103 ? 1_555 O6 ? A G 14 ? A G 14 ? 1_555 163.2 ? 
65 O6 ? A G 10 ? A G 10 ? 1_555 K ? D K . ? A K 103 ? 1_555 O6 ? A G 14 ? A G 14 ? 1_555 67.6  ? 
66 O6 ? A G 11 ? A G 11 ? 1_555 K ? D K . ? A K 103 ? 1_555 O6 ? A G 14 ? A G 14 ? 1_555 105.5 ? 
67 O6 ? A G 5  ? A G 5  ? 1_555 K ? D K . ? A K 103 ? 1_555 O6 ? A G 15 ? A G 15 ? 1_555 146.7 ? 
68 O6 ? A G 6  ? A G 6  ? 1_555 K ? D K . ? A K 103 ? 1_555 O6 ? A G 15 ? A G 15 ? 1_555 128.7 ? 
69 O6 ? A G 10 ? A G 10 ? 1_555 K ? D K . ? A K 103 ? 1_555 O6 ? A G 15 ? A G 15 ? 1_555 120.4 ? 
70 O6 ? A G 11 ? A G 11 ? 1_555 K ? D K . ? A K 103 ? 1_555 O6 ? A G 15 ? A G 15 ? 1_555 86.7  ? 
71 O6 ? A G 14 ? A G 14 ? 1_555 K ? D K . ? A K 103 ? 1_555 O6 ? A G 15 ? A G 15 ? 1_555 63.8  ? 
72 O6 ? A G 5  ? A G 5  ? 1_555 K ? D K . ? A K 103 ? 1_555 O6 ? A G 20 ? A G 20 ? 1_555 59.9  ? 
73 O6 ? A G 6  ? A G 6  ? 1_555 K ? D K . ? A K 103 ? 1_555 O6 ? A G 20 ? A G 20 ? 1_555 125.5 ? 
74 O6 ? A G 10 ? A G 10 ? 1_555 K ? D K . ? A K 103 ? 1_555 O6 ? A G 20 ? A G 20 ? 1_555 98.0  ? 
75 O6 ? A G 11 ? A G 11 ? 1_555 K ? D K . ? A K 103 ? 1_555 O6 ? A G 20 ? A G 20 ? 1_555 166.2 ? 
76 O6 ? A G 14 ? A G 14 ? 1_555 K ? D K . ? A K 103 ? 1_555 O6 ? A G 20 ? A G 20 ? 1_555 60.7  ? 
77 O6 ? A G 15 ? A G 15 ? 1_555 K ? D K . ? A K 103 ? 1_555 O6 ? A G 20 ? A G 20 ? 1_555 86.8  ? 
78 O6 ? A G 5  ? A G 5  ? 1_555 K ? D K . ? A K 103 ? 1_555 O6 ? A G 21 ? A G 21 ? 1_555 87.7  ? 
79 O6 ? A G 6  ? A G 6  ? 1_555 K ? D K . ? A K 103 ? 1_555 O6 ? A G 21 ? A G 21 ? 1_555 86.1  ? 
80 O6 ? A G 10 ? A G 10 ? 1_555 K ? D K . ? A K 103 ? 1_555 O6 ? A G 21 ? A G 21 ? 1_555 156.9 ? 
81 O6 ? A G 11 ? A G 11 ? 1_555 K ? D K . ? A K 103 ? 1_555 O6 ? A G 21 ? A G 21 ? 1_555 126.2 ? 
82 O6 ? A G 14 ? A G 14 ? 1_555 K ? D K . ? A K 103 ? 1_555 O6 ? A G 21 ? A G 21 ? 1_555 109.5 ? 
83 O6 ? A G 15 ? A G 15 ? 1_555 K ? D K . ? A K 103 ? 1_555 O6 ? A G 21 ? A G 21 ? 1_555 74.2  ? 
84 O6 ? A G 20 ? A G 20 ? 1_555 K ? D K . ? A K 103 ? 1_555 O6 ? A G 21 ? A G 21 ? 1_555 63.2  ? 
# 
_pdbx_struct_special_symmetry.id              1 
_pdbx_struct_special_symmetry.PDB_model_num   1 
_pdbx_struct_special_symmetry.auth_asym_id    A 
_pdbx_struct_special_symmetry.auth_comp_id    K 
_pdbx_struct_special_symmetry.auth_seq_id     101 
_pdbx_struct_special_symmetry.PDB_ins_code    ? 
_pdbx_struct_special_symmetry.label_asym_id   B 
_pdbx_struct_special_symmetry.label_comp_id   K 
_pdbx_struct_special_symmetry.label_seq_id    . 
# 
loop_
_space_group_symop.id 
_space_group_symop.operation_xyz 
1 x,y,z          
2 -y,x-y,z+1/3   
3 -x+y,-x,z+2/3  
4 x-y,-y,-z+2/3  
5 -x,-x+y,-z+1/3 
6 y,x,-z         
# 
_pdbx_entry_details.entry_id                 7SXP 
_pdbx_entry_details.nonpolymer_details       ? 
_pdbx_entry_details.sequence_details         ? 
_pdbx_entry_details.compound_details         ? 
_pdbx_entry_details.source_details           ? 
_pdbx_entry_details.has_ligand_of_interest   N 
# 
_pdbx_unobs_or_zero_occ_residues.id               1 
_pdbx_unobs_or_zero_occ_residues.PDB_model_num    1 
_pdbx_unobs_or_zero_occ_residues.polymer_flag     Y 
_pdbx_unobs_or_zero_occ_residues.occupancy_flag   1 
_pdbx_unobs_or_zero_occ_residues.auth_asym_id     A 
_pdbx_unobs_or_zero_occ_residues.auth_comp_id     U 
_pdbx_unobs_or_zero_occ_residues.auth_seq_id      8 
_pdbx_unobs_or_zero_occ_residues.PDB_ins_code     ? 
_pdbx_unobs_or_zero_occ_residues.label_asym_id    A 
_pdbx_unobs_or_zero_occ_residues.label_comp_id    U 
_pdbx_unobs_or_zero_occ_residues.label_seq_id     8 
# 
loop_
_chem_comp_atom.comp_id 
_chem_comp_atom.atom_id 
_chem_comp_atom.type_symbol 
_chem_comp_atom.pdbx_aromatic_flag 
_chem_comp_atom.pdbx_stereo_config 
_chem_comp_atom.pdbx_ordinal 
A   OP3    O  N N 1   
A   P      P  N N 2   
A   OP1    O  N N 3   
A   OP2    O  N N 4   
A   "O5'"  O  N N 5   
A   "C5'"  C  N N 6   
A   "C4'"  C  N R 7   
A   "O4'"  O  N N 8   
A   "C3'"  C  N S 9   
A   "O3'"  O  N N 10  
A   "C2'"  C  N R 11  
A   "O2'"  O  N N 12  
A   "C1'"  C  N R 13  
A   N9     N  Y N 14  
A   C8     C  Y N 15  
A   N7     N  Y N 16  
A   C5     C  Y N 17  
A   C6     C  Y N 18  
A   N6     N  N N 19  
A   N1     N  Y N 20  
A   C2     C  Y N 21  
A   N3     N  Y N 22  
A   C4     C  Y N 23  
A   HOP3   H  N N 24  
A   HOP2   H  N N 25  
A   "H5'"  H  N N 26  
A   "H5''" H  N N 27  
A   "H4'"  H  N N 28  
A   "H3'"  H  N N 29  
A   "HO3'" H  N N 30  
A   "H2'"  H  N N 31  
A   "HO2'" H  N N 32  
A   "H1'"  H  N N 33  
A   H8     H  N N 34  
A   H61    H  N N 35  
A   H62    H  N N 36  
A   H2     H  N N 37  
C   OP3    O  N N 38  
C   P      P  N N 39  
C   OP1    O  N N 40  
C   OP2    O  N N 41  
C   "O5'"  O  N N 42  
C   "C5'"  C  N N 43  
C   "C4'"  C  N R 44  
C   "O4'"  O  N N 45  
C   "C3'"  C  N S 46  
C   "O3'"  O  N N 47  
C   "C2'"  C  N R 48  
C   "O2'"  O  N N 49  
C   "C1'"  C  N R 50  
C   N1     N  N N 51  
C   C2     C  N N 52  
C   O2     O  N N 53  
C   N3     N  N N 54  
C   C4     C  N N 55  
C   N4     N  N N 56  
C   C5     C  N N 57  
C   C6     C  N N 58  
C   HOP3   H  N N 59  
C   HOP2   H  N N 60  
C   "H5'"  H  N N 61  
C   "H5''" H  N N 62  
C   "H4'"  H  N N 63  
C   "H3'"  H  N N 64  
C   "HO3'" H  N N 65  
C   "H2'"  H  N N 66  
C   "HO2'" H  N N 67  
C   "H1'"  H  N N 68  
C   H41    H  N N 69  
C   H42    H  N N 70  
C   H5     H  N N 71  
C   H6     H  N N 72  
CAD AS     AS N N 73  
CAD C1     C  N N 74  
CAD C2     C  N N 75  
CAD O1     O  N N 76  
CAD O2     O  N N 77  
CAD H11    H  N N 78  
CAD H12    H  N N 79  
CAD H13    H  N N 80  
CAD H21    H  N N 81  
CAD H22    H  N N 82  
CAD H23    H  N N 83  
CAD HO1    H  N N 84  
G   OP3    O  N N 85  
G   P      P  N N 86  
G   OP1    O  N N 87  
G   OP2    O  N N 88  
G   "O5'"  O  N N 89  
G   "C5'"  C  N N 90  
G   "C4'"  C  N R 91  
G   "O4'"  O  N N 92  
G   "C3'"  C  N S 93  
G   "O3'"  O  N N 94  
G   "C2'"  C  N R 95  
G   "O2'"  O  N N 96  
G   "C1'"  C  N R 97  
G   N9     N  Y N 98  
G   C8     C  Y N 99  
G   N7     N  Y N 100 
G   C5     C  Y N 101 
G   C6     C  N N 102 
G   O6     O  N N 103 
G   N1     N  N N 104 
G   C2     C  N N 105 
G   N2     N  N N 106 
G   N3     N  N N 107 
G   C4     C  Y N 108 
G   HOP3   H  N N 109 
G   HOP2   H  N N 110 
G   "H5'"  H  N N 111 
G   "H5''" H  N N 112 
G   "H4'"  H  N N 113 
G   "H3'"  H  N N 114 
G   "HO3'" H  N N 115 
G   "H2'"  H  N N 116 
G   "HO2'" H  N N 117 
G   "H1'"  H  N N 118 
G   H8     H  N N 119 
G   H1     H  N N 120 
G   H21    H  N N 121 
G   H22    H  N N 122 
K   K      K  N N 123 
U   OP3    O  N N 124 
U   P      P  N N 125 
U   OP1    O  N N 126 
U   OP2    O  N N 127 
U   "O5'"  O  N N 128 
U   "C5'"  C  N N 129 
U   "C4'"  C  N R 130 
U   "O4'"  O  N N 131 
U   "C3'"  C  N S 132 
U   "O3'"  O  N N 133 
U   "C2'"  C  N R 134 
U   "O2'"  O  N N 135 
U   "C1'"  C  N R 136 
U   N1     N  N N 137 
U   C2     C  N N 138 
U   O2     O  N N 139 
U   N3     N  N N 140 
U   C4     C  N N 141 
U   O4     O  N N 142 
U   C5     C  N N 143 
U   C6     C  N N 144 
U   HOP3   H  N N 145 
U   HOP2   H  N N 146 
U   "H5'"  H  N N 147 
U   "H5''" H  N N 148 
U   "H4'"  H  N N 149 
U   "H3'"  H  N N 150 
U   "HO3'" H  N N 151 
U   "H2'"  H  N N 152 
U   "HO2'" H  N N 153 
U   "H1'"  H  N N 154 
U   H3     H  N N 155 
U   H5     H  N N 156 
U   H6     H  N N 157 
# 
loop_
_chem_comp_bond.comp_id 
_chem_comp_bond.atom_id_1 
_chem_comp_bond.atom_id_2 
_chem_comp_bond.value_order 
_chem_comp_bond.pdbx_aromatic_flag 
_chem_comp_bond.pdbx_stereo_config 
_chem_comp_bond.pdbx_ordinal 
A   OP3   P      sing N N 1   
A   OP3   HOP3   sing N N 2   
A   P     OP1    doub N N 3   
A   P     OP2    sing N N 4   
A   P     "O5'"  sing N N 5   
A   OP2   HOP2   sing N N 6   
A   "O5'" "C5'"  sing N N 7   
A   "C5'" "C4'"  sing N N 8   
A   "C5'" "H5'"  sing N N 9   
A   "C5'" "H5''" sing N N 10  
A   "C4'" "O4'"  sing N N 11  
A   "C4'" "C3'"  sing N N 12  
A   "C4'" "H4'"  sing N N 13  
A   "O4'" "C1'"  sing N N 14  
A   "C3'" "O3'"  sing N N 15  
A   "C3'" "C2'"  sing N N 16  
A   "C3'" "H3'"  sing N N 17  
A   "O3'" "HO3'" sing N N 18  
A   "C2'" "O2'"  sing N N 19  
A   "C2'" "C1'"  sing N N 20  
A   "C2'" "H2'"  sing N N 21  
A   "O2'" "HO2'" sing N N 22  
A   "C1'" N9     sing N N 23  
A   "C1'" "H1'"  sing N N 24  
A   N9    C8     sing Y N 25  
A   N9    C4     sing Y N 26  
A   C8    N7     doub Y N 27  
A   C8    H8     sing N N 28  
A   N7    C5     sing Y N 29  
A   C5    C6     sing Y N 30  
A   C5    C4     doub Y N 31  
A   C6    N6     sing N N 32  
A   C6    N1     doub Y N 33  
A   N6    H61    sing N N 34  
A   N6    H62    sing N N 35  
A   N1    C2     sing Y N 36  
A   C2    N3     doub Y N 37  
A   C2    H2     sing N N 38  
A   N3    C4     sing Y N 39  
C   OP3   P      sing N N 40  
C   OP3   HOP3   sing N N 41  
C   P     OP1    doub N N 42  
C   P     OP2    sing N N 43  
C   P     "O5'"  sing N N 44  
C   OP2   HOP2   sing N N 45  
C   "O5'" "C5'"  sing N N 46  
C   "C5'" "C4'"  sing N N 47  
C   "C5'" "H5'"  sing N N 48  
C   "C5'" "H5''" sing N N 49  
C   "C4'" "O4'"  sing N N 50  
C   "C4'" "C3'"  sing N N 51  
C   "C4'" "H4'"  sing N N 52  
C   "O4'" "C1'"  sing N N 53  
C   "C3'" "O3'"  sing N N 54  
C   "C3'" "C2'"  sing N N 55  
C   "C3'" "H3'"  sing N N 56  
C   "O3'" "HO3'" sing N N 57  
C   "C2'" "O2'"  sing N N 58  
C   "C2'" "C1'"  sing N N 59  
C   "C2'" "H2'"  sing N N 60  
C   "O2'" "HO2'" sing N N 61  
C   "C1'" N1     sing N N 62  
C   "C1'" "H1'"  sing N N 63  
C   N1    C2     sing N N 64  
C   N1    C6     sing N N 65  
C   C2    O2     doub N N 66  
C   C2    N3     sing N N 67  
C   N3    C4     doub N N 68  
C   C4    N4     sing N N 69  
C   C4    C5     sing N N 70  
C   N4    H41    sing N N 71  
C   N4    H42    sing N N 72  
C   C5    C6     doub N N 73  
C   C5    H5     sing N N 74  
C   C6    H6     sing N N 75  
CAD AS    C1     sing N N 76  
CAD AS    C2     sing N N 77  
CAD AS    O1     sing N N 78  
CAD AS    O2     doub N N 79  
CAD C1    H11    sing N N 80  
CAD C1    H12    sing N N 81  
CAD C1    H13    sing N N 82  
CAD C2    H21    sing N N 83  
CAD C2    H22    sing N N 84  
CAD C2    H23    sing N N 85  
CAD O1    HO1    sing N N 86  
G   OP3   P      sing N N 87  
G   OP3   HOP3   sing N N 88  
G   P     OP1    doub N N 89  
G   P     OP2    sing N N 90  
G   P     "O5'"  sing N N 91  
G   OP2   HOP2   sing N N 92  
G   "O5'" "C5'"  sing N N 93  
G   "C5'" "C4'"  sing N N 94  
G   "C5'" "H5'"  sing N N 95  
G   "C5'" "H5''" sing N N 96  
G   "C4'" "O4'"  sing N N 97  
G   "C4'" "C3'"  sing N N 98  
G   "C4'" "H4'"  sing N N 99  
G   "O4'" "C1'"  sing N N 100 
G   "C3'" "O3'"  sing N N 101 
G   "C3'" "C2'"  sing N N 102 
G   "C3'" "H3'"  sing N N 103 
G   "O3'" "HO3'" sing N N 104 
G   "C2'" "O2'"  sing N N 105 
G   "C2'" "C1'"  sing N N 106 
G   "C2'" "H2'"  sing N N 107 
G   "O2'" "HO2'" sing N N 108 
G   "C1'" N9     sing N N 109 
G   "C1'" "H1'"  sing N N 110 
G   N9    C8     sing Y N 111 
G   N9    C4     sing Y N 112 
G   C8    N7     doub Y N 113 
G   C8    H8     sing N N 114 
G   N7    C5     sing Y N 115 
G   C5    C6     sing N N 116 
G   C5    C4     doub Y N 117 
G   C6    O6     doub N N 118 
G   C6    N1     sing N N 119 
G   N1    C2     sing N N 120 
G   N1    H1     sing N N 121 
G   C2    N2     sing N N 122 
G   C2    N3     doub N N 123 
G   N2    H21    sing N N 124 
G   N2    H22    sing N N 125 
G   N3    C4     sing N N 126 
U   OP3   P      sing N N 127 
U   OP3   HOP3   sing N N 128 
U   P     OP1    doub N N 129 
U   P     OP2    sing N N 130 
U   P     "O5'"  sing N N 131 
U   OP2   HOP2   sing N N 132 
U   "O5'" "C5'"  sing N N 133 
U   "C5'" "C4'"  sing N N 134 
U   "C5'" "H5'"  sing N N 135 
U   "C5'" "H5''" sing N N 136 
U   "C4'" "O4'"  sing N N 137 
U   "C4'" "C3'"  sing N N 138 
U   "C4'" "H4'"  sing N N 139 
U   "O4'" "C1'"  sing N N 140 
U   "C3'" "O3'"  sing N N 141 
U   "C3'" "C2'"  sing N N 142 
U   "C3'" "H3'"  sing N N 143 
U   "O3'" "HO3'" sing N N 144 
U   "C2'" "O2'"  sing N N 145 
U   "C2'" "C1'"  sing N N 146 
U   "C2'" "H2'"  sing N N 147 
U   "O2'" "HO2'" sing N N 148 
U   "C1'" N1     sing N N 149 
U   "C1'" "H1'"  sing N N 150 
U   N1    C2     sing N N 151 
U   N1    C6     sing N N 152 
U   C2    O2     doub N N 153 
U   C2    N3     sing N N 154 
U   N3    C4     sing N N 155 
U   N3    H3     sing N N 156 
U   C4    O4     doub N N 157 
U   C4    C5     sing N N 158 
U   C5    C6     doub N N 159 
U   C5    H5     sing N N 160 
U   C6    H6     sing N N 161 
# 
loop_
_ndb_struct_conf_na.entry_id 
_ndb_struct_conf_na.feature 
7SXP 'double helix'    
7SXP 'quadruple helix' 
# 
loop_
_ndb_struct_na_base_pair.model_number 
_ndb_struct_na_base_pair.i_label_asym_id 
_ndb_struct_na_base_pair.i_label_comp_id 
_ndb_struct_na_base_pair.i_label_seq_id 
_ndb_struct_na_base_pair.i_symmetry 
_ndb_struct_na_base_pair.j_label_asym_id 
_ndb_struct_na_base_pair.j_label_comp_id 
_ndb_struct_na_base_pair.j_label_seq_id 
_ndb_struct_na_base_pair.j_symmetry 
_ndb_struct_na_base_pair.shear 
_ndb_struct_na_base_pair.stretch 
_ndb_struct_na_base_pair.stagger 
_ndb_struct_na_base_pair.buckle 
_ndb_struct_na_base_pair.propeller 
_ndb_struct_na_base_pair.opening 
_ndb_struct_na_base_pair.pair_number 
_ndb_struct_na_base_pair.pair_name 
_ndb_struct_na_base_pair.i_auth_asym_id 
_ndb_struct_na_base_pair.i_auth_seq_id 
_ndb_struct_na_base_pair.i_PDB_ins_code 
_ndb_struct_na_base_pair.j_auth_asym_id 
_ndb_struct_na_base_pair.j_auth_seq_id 
_ndb_struct_na_base_pair.j_PDB_ins_code 
_ndb_struct_na_base_pair.hbond_type_28 
_ndb_struct_na_base_pair.hbond_type_12 
1 A G 2  1_555 A A 22 1_555 -2.723 -7.434 0.042  -17.887 -13.074 -170.847 1 A_G2:A22_A  A 2  ? A 22 ? ? 6 
1 A G 11 1_555 A G 6  1_555 1.441  -3.299 -0.563 10.656  9.311   -97.113  2 A_G11:G6_A  A 11 ? A 6  ? 6 3 
1 A G 5  1_555 A G 10 1_555 -1.558 3.548  0.077  -1.897  3.971   87.642   3 A_G5:G10_A  A 5  ? A 10 ? 6 3 
1 A G 20 1_555 A G 14 1_555 1.356  -3.636 0.281  7.452   -1.360  -92.720  4 A_G20:G14_A A 20 ? A 14 ? 6 3 
1 A G 13 1_555 A G 19 1_555 1.183  3.601  -0.042 3.800   -5.349  -87.939  5 A_G13:G19_A A 13 ? A 19 ? 6 3 
# 
loop_
_ndb_struct_na_base_pair_step.model_number 
_ndb_struct_na_base_pair_step.i_label_asym_id_1 
_ndb_struct_na_base_pair_step.i_label_comp_id_1 
_ndb_struct_na_base_pair_step.i_label_seq_id_1 
_ndb_struct_na_base_pair_step.i_symmetry_1 
_ndb_struct_na_base_pair_step.j_label_asym_id_1 
_ndb_struct_na_base_pair_step.j_label_comp_id_1 
_ndb_struct_na_base_pair_step.j_label_seq_id_1 
_ndb_struct_na_base_pair_step.j_symmetry_1 
_ndb_struct_na_base_pair_step.i_label_asym_id_2 
_ndb_struct_na_base_pair_step.i_label_comp_id_2 
_ndb_struct_na_base_pair_step.i_label_seq_id_2 
_ndb_struct_na_base_pair_step.i_symmetry_2 
_ndb_struct_na_base_pair_step.j_label_asym_id_2 
_ndb_struct_na_base_pair_step.j_label_comp_id_2 
_ndb_struct_na_base_pair_step.j_label_seq_id_2 
_ndb_struct_na_base_pair_step.j_symmetry_2 
_ndb_struct_na_base_pair_step.shift 
_ndb_struct_na_base_pair_step.slide 
_ndb_struct_na_base_pair_step.rise 
_ndb_struct_na_base_pair_step.tilt 
_ndb_struct_na_base_pair_step.roll 
_ndb_struct_na_base_pair_step.twist 
_ndb_struct_na_base_pair_step.x_displacement 
_ndb_struct_na_base_pair_step.y_displacement 
_ndb_struct_na_base_pair_step.helical_rise 
_ndb_struct_na_base_pair_step.inclination 
_ndb_struct_na_base_pair_step.tip 
_ndb_struct_na_base_pair_step.helical_twist 
_ndb_struct_na_base_pair_step.step_number 
_ndb_struct_na_base_pair_step.step_name 
_ndb_struct_na_base_pair_step.i_auth_asym_id_1 
_ndb_struct_na_base_pair_step.i_auth_seq_id_1 
_ndb_struct_na_base_pair_step.i_PDB_ins_code_1 
_ndb_struct_na_base_pair_step.j_auth_asym_id_1 
_ndb_struct_na_base_pair_step.j_auth_seq_id_1 
_ndb_struct_na_base_pair_step.j_PDB_ins_code_1 
_ndb_struct_na_base_pair_step.i_auth_asym_id_2 
_ndb_struct_na_base_pair_step.i_auth_seq_id_2 
_ndb_struct_na_base_pair_step.i_PDB_ins_code_2 
_ndb_struct_na_base_pair_step.j_auth_asym_id_2 
_ndb_struct_na_base_pair_step.j_auth_seq_id_2 
_ndb_struct_na_base_pair_step.j_PDB_ins_code_2 
1 A G 11 1_555 A G 6  1_555 A G 5  1_555 A G 10 1_555 -0.239 0.201 3.192 6.984  -0.820 27.171  0.602 2.086 3.030 -1.708 -14.558 
28.050  1 AA_G11G5:G10G6_AA  A 11 ? A 6  ? A 5  ? A 10 ? 
1 A G 5  1_555 A G 10 1_555 A G 20 1_555 A G 14 1_555 -1.389 3.552 0.299 -2.304 0.539  178.817 1.776 0.695 0.299 0.270  1.152   
178.817 2 AA_G5G20:G14G10_AA A 5  ? A 10 ? A 20 ? A 14 ? 
# 
_pdbx_audit_support.funding_organization   'National Institutes of Health/National Heart, Lung, and Blood Institute (NIH/NHLBI)' 
_pdbx_audit_support.country                'United States' 
_pdbx_audit_support.grant_number           ? 
_pdbx_audit_support.ordinal                1 
# 
_pdbx_initial_refinement_model.id               1 
_pdbx_initial_refinement_model.entity_id_list   ? 
_pdbx_initial_refinement_model.type             'experimental model' 
_pdbx_initial_refinement_model.source_name      PDB 
_pdbx_initial_refinement_model.accession_code   5NYS 
_pdbx_initial_refinement_model.details          'Phased with only core' 
# 
_space_group.name_H-M_alt     'P 31 2 1' 
_space_group.name_Hall        
;P 31 2"
;
_space_group.IT_number        152 
_space_group.crystal_system   trigonal 
_space_group.id               1 
# 
_atom_sites.entry_id                    7SXP 
_atom_sites.Cartn_transf_matrix[1][1]   ? 
_atom_sites.Cartn_transf_matrix[1][2]   ? 
_atom_sites.Cartn_transf_matrix[1][3]   ? 
_atom_sites.Cartn_transf_matrix[2][1]   ? 
_atom_sites.Cartn_transf_matrix[2][2]   ? 
_atom_sites.Cartn_transf_matrix[2][3]   ? 
_atom_sites.Cartn_transf_matrix[3][1]   ? 
_atom_sites.Cartn_transf_matrix[3][2]   ? 
_atom_sites.Cartn_transf_matrix[3][3]   ? 
_atom_sites.Cartn_transf_vector[1]      ? 
_atom_sites.Cartn_transf_vector[2]      ? 
_atom_sites.Cartn_transf_vector[3]      ? 
_atom_sites.fract_transf_matrix[1][1]   0.01902068 
_atom_sites.fract_transf_matrix[1][2]   -0.01143750 
_atom_sites.fract_transf_matrix[1][3]   0.02266259 
_atom_sites.fract_transf_matrix[2][1]   -0.01076999 
_atom_sites.fract_transf_matrix[2][2]   -0.00309710 
_atom_sites.fract_transf_matrix[2][3]   0.02967553 
_atom_sites.fract_transf_matrix[3][1]   -0.00440724 
_atom_sites.fract_transf_matrix[3][2]   -0.01323560 
_atom_sites.fract_transf_matrix[3][3]   -0.00298084 
_atom_sites.fract_transf_vector[1]      0.535350 
_atom_sites.fract_transf_vector[2]      0.453272 
_atom_sites.fract_transf_vector[3]      0.072769 
_atom_sites.solution_primary            ? 
_atom_sites.solution_secondary          ? 
_atom_sites.solution_hydrogens          ? 
_atom_sites.special_details             ? 
# 
loop_
_atom_type.symbol 
_atom_type.scat_dispersion_real 
_atom_type.scat_dispersion_imag 
_atom_type.scat_Cromer_Mann_a1 
_atom_type.scat_Cromer_Mann_a2 
_atom_type.scat_Cromer_Mann_a3 
_atom_type.scat_Cromer_Mann_a4 
_atom_type.scat_Cromer_Mann_b1 
_atom_type.scat_Cromer_Mann_b2 
_atom_type.scat_Cromer_Mann_b3 
_atom_type.scat_Cromer_Mann_b4 
_atom_type.scat_Cromer_Mann_c 
_atom_type.scat_source 
_atom_type.scat_dispersion_source 
AS ? ? 25.88022 7.02060 ? ? 1.67971  31.58991 ? ? 0.0 
;2-Gaussian fit: Grosse-Kunstleve RW, Sauter NK, Adams PD: Newsletter of the IUCr Commission on Crystallographic Computing 2004, 3, 22-31.
;
? 
C  ? ? 3.54356  2.42580 ? ? 25.62398 1.50364  ? ? 0.0 
;2-Gaussian fit: Grosse-Kunstleve RW, Sauter NK, Adams PD: Newsletter of the IUCr Commission on Crystallographic Computing 2004, 3, 22-31.
;
? 
K  ? ? 16.37977 2.54835 ? ? 4.54127  84.28225 ? ? 0.0 
;2-Gaussian fit: Grosse-Kunstleve RW, Sauter NK, Adams PD: Newsletter of the IUCr Commission on Crystallographic Computing 2004, 3, 22-31.
;
? 
N  ? ? 4.01032  2.96436 ? ? 19.97189 1.75589  ? ? 0.0 
;2-Gaussian fit: Grosse-Kunstleve RW, Sauter NK, Adams PD: Newsletter of the IUCr Commission on Crystallographic Computing 2004, 3, 22-31.
;
? 
O  ? ? 7.96527  ?       ? ? 9.05267  ?        ? ? 0.0 
;1-Gaussian fit: Grosse-Kunstleve RW, Sauter NK, Adams PD: Newsletter of the IUCr Commission on Crystallographic Computing 2004, 3, 22-31.
;
? 
P  ? ? 9.51135  5.44231 ? ? 1.42069  35.72801 ? ? 0.0 
;2-Gaussian fit: Grosse-Kunstleve RW, Sauter NK, Adams PD: Newsletter of the IUCr Commission on Crystallographic Computing 2004, 3, 22-31.
;
? 
# 
loop_
_atom_site.group_PDB 
_atom_site.id 
_atom_site.type_symbol 
_atom_site.label_atom_id 
_atom_site.label_alt_id 
_atom_site.label_comp_id 
_atom_site.label_asym_id 
_atom_site.label_entity_id 
_atom_site.label_seq_id 
_atom_site.pdbx_PDB_ins_code 
_atom_site.Cartn_x 
_atom_site.Cartn_y 
_atom_site.Cartn_z 
_atom_site.occupancy 
_atom_site.B_iso_or_equiv 
_atom_site.pdbx_formal_charge 
_atom_site.auth_seq_id 
_atom_site.auth_comp_id 
_atom_site.auth_asym_id 
_atom_site.auth_atom_id 
_atom_site.pdbx_PDB_model_num 
ATOM   1   O  "O3'" . U   A 1 1  ? -20.26971 -2.12377  4.86287   1.000 91.18000  ? 1   U   A "O3'" 1 
ATOM   2   P  P     . G   A 1 2  ? -19.32852 -0.97821  4.24226   1.000 96.08000  ? 2   G   A P     1 
ATOM   3   O  OP1   . G   A 1 2  ? -19.61370 0.29984   4.94236   1.000 87.82000  ? 2   G   A OP1   1 
ATOM   4   O  OP2   . G   A 1 2  ? -19.45021 -1.06266  2.76333   1.000 90.15000  ? 2   G   A OP2   1 
ATOM   5   O  "O5'" . G   A 1 2  ? -17.85680 -1.41616  4.66654   1.000 81.39000  ? 2   G   A "O5'" 1 
ATOM   6   C  "C5'" . G   A 1 2  ? -17.55753 -1.73297  6.01838   1.000 80.30000  ? 2   G   A "C5'" 1 
ATOM   7   C  "C4'" . G   A 1 2  ? -16.87125 -3.07203  6.13518   1.000 70.39000  ? 2   G   A "C4'" 1 
ATOM   8   O  "O4'" . G   A 1 2  ? -17.68931 -4.09135  5.52026   1.000 74.63000  ? 2   G   A "O4'" 1 
ATOM   9   C  "C3'" . G   A 1 2  ? -15.52728 -3.19290  5.43130   1.000 79.35000  ? 2   G   A "C3'" 1 
ATOM   10  O  "O3'" . G   A 1 2  ? -14.46486 -2.70087  6.22205   1.000 77.71000  ? 2   G   A "O3'" 1 
ATOM   11  C  "C2'" . G   A 1 2  ? -15.40985 -4.68514  5.13112   1.000 72.94000  ? 2   G   A "C2'" 1 
ATOM   12  O  "O2'" . G   A 1 2  ? -14.86734 -5.39221  6.23870   1.000 67.41000  ? 2   G   A "O2'" 1 
ATOM   13  C  "C1'" . G   A 1 2  ? -16.87163 -5.09810  4.96263   1.000 71.64000  ? 2   G   A "C1'" 1 
ATOM   14  N  N9    . G   A 1 2  ? -17.28100 -5.34048  3.56698   1.000 71.98000  ? 2   G   A N9    1 
ATOM   15  C  C8    . G   A 1 2  ? -18.39727 -4.80611  2.97391   1.000 75.24000  ? 2   G   A C8    1 
ATOM   16  N  N7    . G   A 1 2  ? -18.57124 -5.20448  1.74575   1.000 75.47000  ? 2   G   A N7    1 
ATOM   17  C  C5    . G   A 1 2  ? -17.51157 -6.06909  1.51525   1.000 74.39000  ? 2   G   A C5    1 
ATOM   18  C  C6    . G   A 1 2  ? -17.18018 -6.80796  0.34838   1.000 79.56000  ? 2   G   A C6    1 
ATOM   19  O  O6    . G   A 1 2  ? -17.78252 -6.84163  -0.73636  1.000 86.65000  ? 2   G   A O6    1 
ATOM   20  N  N1    . G   A 1 2  ? -16.02256 -7.56245  0.52729   1.000 72.07000  ? 2   G   A N1    1 
ATOM   21  C  C2    . G   A 1 2  ? -15.28155 -7.59588  1.68101   1.000 69.11000  ? 2   G   A C2    1 
ATOM   22  N  N2    . G   A 1 2  ? -14.19896 -8.38774  1.65349   1.000 67.46000  ? 2   G   A N2    1 
ATOM   23  N  N3    . G   A 1 2  ? -15.58277 -6.91361  2.77703   1.000 76.42000  ? 2   G   A N3    1 
ATOM   24  C  C4    . G   A 1 2  ? -16.70606 -6.17505  2.63243   1.000 73.76000  ? 2   G   A C4    1 
ATOM   25  P  P     . U   A 1 3  ? -13.49710 -1.57334  5.63271   1.000 68.99000  ? 3   U   A P     1 
ATOM   26  O  OP1   . U   A 1 3  ? -12.43062 -1.35118  6.64903   1.000 73.03000  ? 3   U   A OP1   1 
ATOM   27  O  OP2   . U   A 1 3  ? -14.35408 -0.45147  5.16299   1.000 70.91000  ? 3   U   A OP2   1 
ATOM   28  O  "O5'" . U   A 1 3  ? -12.85155 -2.26527  4.35280   1.000 73.15000  ? 3   U   A "O5'" 1 
ATOM   29  C  "C5'" . U   A 1 3  ? -11.89591 -3.30596  4.49801   1.000 73.45000  ? 3   U   A "C5'" 1 
ATOM   30  C  "C4'" . U   A 1 3  ? -11.61184 -3.99545  3.18658   1.000 71.86000  ? 3   U   A "C4'" 1 
ATOM   31  O  "O4'" . U   A 1 3  ? -12.79862 -4.68674  2.71792   1.000 68.62000  ? 3   U   A "O4'" 1 
ATOM   32  C  "C3'" . U   A 1 3  ? -11.23521 -3.09954  2.02075   1.000 71.46000  ? 3   U   A "C3'" 1 
ATOM   33  O  "O3'" . U   A 1 3  ? -9.88561  -2.65728  2.06714   1.000 61.60000  ? 3   U   A "O3'" 1 
ATOM   34  C  "C2'" . U   A 1 3  ? -11.56235 -3.97326  0.81353   1.000 71.87000  ? 3   U   A "C2'" 1 
ATOM   35  O  "O2'" . U   A 1 3  ? -10.53293 -4.92264  0.58779   1.000 79.08000  ? 3   U   A "O2'" 1 
ATOM   36  C  "C1'" . U   A 1 3  ? -12.80445 -4.72363  1.30632   1.000 72.02000  ? 3   U   A "C1'" 1 
ATOM   37  N  N1    . U   A 1 3  ? -14.06976 -4.13405  0.79854   1.000 82.92000  ? 3   U   A N1    1 
ATOM   38  C  C2    . U   A 1 3  ? -14.58658 -4.64829  -0.38442  1.000 83.86000  ? 3   U   A C2    1 
ATOM   39  O  O2    . U   A 1 3  ? -14.04843 -5.55398  -1.00623  1.000 85.13000  ? 3   U   A O2    1 
ATOM   40  N  N3    . U   A 1 3  ? -15.75929 -4.06774  -0.81678  1.000 71.84000  ? 3   U   A N3    1 
ATOM   41  C  C4    . U   A 1 3  ? -16.45843 -3.04398  -0.20366  1.000 83.60000  ? 3   U   A C4    1 
ATOM   42  O  O4    . U   A 1 3  ? -17.50234 -2.62419  -0.71081  1.000 95.75000  ? 3   U   A O4    1 
ATOM   43  C  C5    . U   A 1 3  ? -15.86363 -2.56438  1.00826   1.000 75.31000  ? 3   U   A C5    1 
ATOM   44  C  C6    . U   A 1 3  ? -14.72234 -3.11000  1.45638   1.000 76.35000  ? 3   U   A C6    1 
ATOM   45  P  P     . G   A 1 4  ? -9.54860  -1.08168  2.09093   1.000 77.59000  ? 4   G   A P     1 
ATOM   46  O  OP1   . G   A 1 4  ? -8.35284  -0.86603  2.94505   1.000 71.35000  ? 4   G   A OP1   1 
ATOM   47  O  OP2   . G   A 1 4  ? -10.80782 -0.35564  2.38954   1.000 65.99000  ? 4   G   A OP2   1 
ATOM   48  O  "O5'" . G   A 1 4  ? -9.13172  -0.74172  0.59200   1.000 63.26000  ? 4   G   A "O5'" 1 
ATOM   49  C  "C5'" . G   A 1 4  ? -10.02057 -0.98460  -0.48494  1.000 62.44000  ? 4   G   A "C5'" 1 
ATOM   50  C  "C4'" . G   A 1 4  ? -9.71861  -0.06832  -1.63084  1.000 61.06000  ? 4   G   A "C4'" 1 
ATOM   51  O  "O4'" . G   A 1 4  ? -9.08438  1.12617   -1.11994  1.000 75.81000  ? 4   G   A "O4'" 1 
ATOM   52  C  "C3'" . G   A 1 4  ? -8.73633  -0.59389  -2.65895  1.000 66.04000  ? 4   G   A "C3'" 1 
ATOM   53  O  "O3'" . G   A 1 4  ? -9.36269  -1.43358  -3.61312  1.000 70.67000  ? 4   G   A "O3'" 1 
ATOM   54  C  "C2'" . G   A 1 4  ? -8.16259  0.67982   -3.26700  1.000 77.71000  ? 4   G   A "C2'" 1 
ATOM   55  O  "O2'" . G   A 1 4  ? -9.03389  1.18382   -4.26925  1.000 91.35000  ? 4   G   A "O2'" 1 
ATOM   56  C  "C1'" . G   A 1 4  ? -8.19249  1.64357   -2.07520  1.000 68.22000  ? 4   G   A "C1'" 1 
ATOM   57  N  N9    . G   A 1 4  ? -6.87416  1.86777   -1.44508  1.000 66.81000  ? 4   G   A N9    1 
ATOM   58  C  C8    . G   A 1 4  ? -6.49323  1.53601   -0.16670  1.000 70.96000  ? 4   G   A C8    1 
ATOM   59  N  N7    . G   A 1 4  ? -5.26657  1.89555   0.11291   1.000 68.35000  ? 4   G   A N7    1 
ATOM   60  C  C5    . G   A 1 4  ? -4.81732  2.51888   -1.04112  1.000 63.05000  ? 4   G   A C5    1 
ATOM   61  C  C6    . G   A 1 4  ? -3.56502  3.10962   -1.34270  1.000 65.82000  ? 4   G   A C6    1 
ATOM   62  O  O6    . G   A 1 4  ? -2.56505  3.21289   -0.62375  1.000 72.90000  ? 4   G   A O6    1 
ATOM   63  N  N1    . G   A 1 4  ? -3.53973  3.61407   -2.63414  1.000 61.33000  ? 4   G   A N1    1 
ATOM   64  C  C2    . G   A 1 4  ? -4.57751  3.56292   -3.52385  1.000 63.17000  ? 4   G   A C2    1 
ATOM   65  N  N2    . G   A 1 4  ? -4.36003  4.10543   -4.72767  1.000 69.69000  ? 4   G   A N2    1 
ATOM   66  N  N3    . G   A 1 4  ? -5.74506  3.01841   -3.25617  1.000 66.15000  ? 4   G   A N3    1 
ATOM   67  C  C4    . G   A 1 4  ? -5.79702  2.51732   -2.00719  1.000 66.77000  ? 4   G   A C4    1 
ATOM   68  P  P     . G   A 1 5  ? -8.49464  -2.52060  -4.41526  1.000 100.94000 ? 5   G   A P     1 
ATOM   69  O  OP1   . G   A 1 5  ? -9.40752  -3.38794  -5.20587  1.000 75.67000  ? 5   G   A OP1   1 
ATOM   70  O  OP2   . G   A 1 5  ? -7.51951  -3.12133  -3.46239  1.000 79.32000  ? 5   G   A OP2   1 
ATOM   71  O  "O5'" . G   A 1 5  ? -7.65715  -1.64842  -5.44410  1.000 74.46000  ? 5   G   A "O5'" 1 
ATOM   72  C  "C5'" . G   A 1 5  ? -8.28674  -0.98288  -6.52562  1.000 70.06000  ? 5   G   A "C5'" 1 
ATOM   73  C  "C4'" . G   A 1 5  ? -7.25850  -0.30547  -7.38797  1.000 76.71000  ? 5   G   A "C4'" 1 
ATOM   74  O  "O4'" . G   A 1 5  ? -6.61886  0.74238   -6.62639  1.000 73.30000  ? 5   G   A "O4'" 1 
ATOM   75  C  "C3'" . G   A 1 5  ? -6.11369  -1.19858  -7.84281  1.000 81.11000  ? 5   G   A "C3'" 1 
ATOM   76  O  "O3'" . G   A 1 5  ? -6.44085  -1.92043  -9.01602  1.000 72.77000  ? 5   G   A "O3'" 1 
ATOM   77  C  "C2'" . G   A 1 5  ? -4.95303  -0.22333  -8.02209  1.000 73.63000  ? 5   G   A "C2'" 1 
ATOM   78  O  "O2'" . G   A 1 5  ? -5.03070  0.42773   -9.28107  1.000 82.50000  ? 5   G   A "O2'" 1 
ATOM   79  C  "C1'" . G   A 1 5  ? -5.24916  0.81768   -6.95199  1.000 70.02000  ? 5   G   A "C1'" 1 
ATOM   80  N  N9    . G   A 1 5  ? -4.46261  0.67315   -5.71209  1.000 66.85000  ? 5   G   A N9    1 
ATOM   81  C  C8    . G   A 1 5  ? -4.86514  0.11733   -4.52017  1.000 59.98000  ? 5   G   A C8    1 
ATOM   82  N  N7    . G   A 1 5  ? -3.95277  0.19592   -3.59080  1.000 57.35000  ? 5   G   A N7    1 
ATOM   83  C  C5    . G   A 1 5  ? -2.89334  0.85901   -4.19641  1.000 65.28000  ? 5   G   A C5    1 
ATOM   84  C  C6    . G   A 1 5  ? -1.62043  1.23115   -3.68705  1.000 65.54000  ? 5   G   A C6    1 
ATOM   85  O  O6    . G   A 1 5  ? -1.14794  1.06013   -2.55428  1.000 56.00000  ? 5   G   A O6    1 
ATOM   86  N  N1    . G   A 1 5  ? -0.87068  1.88054   -4.66409  1.000 67.57000  ? 5   G   A N1    1 
ATOM   87  C  C2    . G   A 1 5  ? -1.27917  2.14413   -5.95317  1.000 68.14000  ? 5   G   A C2    1 
ATOM   88  N  N2    . G   A 1 5  ? -0.39876  2.78839   -6.73688  1.000 78.29000  ? 5   G   A N2    1 
ATOM   89  N  N3    . G   A 1 5  ? -2.45840  1.80003   -6.43843  1.000 58.18000  ? 5   G   A N3    1 
ATOM   90  C  C4    . G   A 1 5  ? -3.20188  1.16945   -5.50632  1.000 62.78000  ? 5   G   A C4    1 
ATOM   91  P  P     . G   A 1 6  ? -5.71575  -3.31264  -9.33322  1.000 83.32000  ? 6   G   A P     1 
ATOM   92  O  OP1   . G   A 1 6  ? -6.60536  -4.08396  -10.24005 1.000 100.67000 ? 6   G   A OP1   1 
ATOM   93  O  OP2   . G   A 1 6  ? -5.25672  -3.91579  -8.05161  1.000 73.80000  ? 6   G   A OP2   1 
ATOM   94  O  "O5'" . G   A 1 6  ? -4.43336  -2.86794  -10.15542 1.000 74.14000  ? 6   G   A "O5'" 1 
ATOM   95  C  "C5'" . G   A 1 6  ? -4.54187  -1.87761  -11.16678 1.000 70.31000  ? 6   G   A "C5'" 1 
ATOM   96  C  "C4'" . G   A 1 6  ? -3.18821  -1.36407  -11.56257 1.000 79.80000  ? 6   G   A "C4'" 1 
ATOM   97  O  "O4'" . G   A 1 6  ? -2.53398  -0.80200  -10.39316 1.000 81.61000  ? 6   G   A "O4'" 1 
ATOM   98  C  "C3'" . G   A 1 6  ? -2.24514  -2.42792  -12.10951 1.000 74.93000  ? 6   G   A "C3'" 1 
ATOM   99  O  "O3'" . G   A 1 6  ? -1.40680  -1.84481  -13.09553 1.000 87.07000  ? 6   G   A "O3'" 1 
ATOM   100 C  "C2'" . G   A 1 6  ? -1.40676  -2.79982  -10.89378 1.000 79.26000  ? 6   G   A "C2'" 1 
ATOM   101 O  "O2'" . G   A 1 6  ? -0.13554  -3.32802  -11.20801 1.000 89.46000  ? 6   G   A "O2'" 1 
ATOM   102 C  "C1'" . G   A 1 6  ? -1.30039  -1.45997  -10.17126 1.000 75.77000  ? 6   G   A "C1'" 1 
ATOM   103 N  N9    . G   A 1 6  ? -1.09844  -1.57648  -8.72266  1.000 68.06000  ? 6   G   A N9    1 
ATOM   104 C  C8    . G   A 1 6  ? -1.91282  -2.23213  -7.83279  1.000 71.11000  ? 6   G   A C8    1 
ATOM   105 N  N7    . G   A 1 6  ? -1.48251  -2.16865  -6.60214  1.000 67.45000  ? 6   G   A N7    1 
ATOM   106 C  C5    . G   A 1 6  ? -0.31291  -1.42136  -6.67261  1.000 69.18000  ? 6   G   A C5    1 
ATOM   107 C  C6    . G   A 1 6  ? 0.59617   -1.01425  -5.65136  1.000 69.32000  ? 6   G   A C6    1 
ATOM   108 O  O6    . G   A 1 6  ? 0.55665   -1.23353  -4.43260  1.000 57.24000  ? 6   G   A O6    1 
ATOM   109 N  N1    . G   A 1 6  ? 1.64677   -0.27103  -6.17378  1.000 68.76000  ? 6   G   A N1    1 
ATOM   110 C  C2    . G   A 1 6  ? 1.79648   0.04583   -7.50057  1.000 73.87000  ? 6   G   A C2    1 
ATOM   111 N  N2    . G   A 1 6  ? 2.87207   0.77915   -7.81506  1.000 79.58000  ? 6   G   A N2    1 
ATOM   112 N  N3    . G   A 1 6  ? 0.95916   -0.32125  -8.45633  1.000 69.18000  ? 6   G   A N3    1 
ATOM   113 C  C4    . G   A 1 6  ? -0.06563  -1.05005  -7.97862  1.000 63.03000  ? 6   G   A C4    1 
ATOM   114 P  P     . A   A 1 7  ? -1.18725  -2.60602  -14.48597 1.000 109.79000 ? 7   A   A P     1 
ATOM   115 O  OP1   . A   A 1 7  ? -2.50812  -2.71214  -15.14851 1.000 104.29000 ? 7   A   A OP1   1 
ATOM   116 O  OP2   . A   A 1 7  ? -0.41538  -3.83240  -14.17776 1.000 78.22000  ? 7   A   A OP2   1 
ATOM   117 O  "O5'" . A   A 1 7  ? -0.26172  -1.60540  -15.32515 1.000 103.09000 ? 7   A   A "O5'" 1 
ATOM   118 P  P     . G   A 1 9  ? -4.27705  5.27278   -11.37838 1.000 129.47000 ? 9   G   A P     1 
ATOM   119 O  OP1   . G   A 1 9  ? -4.48027  3.82103   -11.12584 1.000 110.51000 ? 9   G   A OP1   1 
ATOM   120 O  OP2   . G   A 1 9  ? -5.25486  6.26377   -10.85379 1.000 105.67000 ? 9   G   A OP2   1 
ATOM   121 O  "O5'" . G   A 1 9  ? -2.83280  5.68236   -10.84355 1.000 94.15000  ? 9   G   A "O5'" 1 
ATOM   122 C  "C5'" . G   A 1 9  ? -2.21777  6.88476   -11.27731 1.000 94.45000  ? 9   G   A "C5'" 1 
ATOM   123 C  "C4'" . G   A 1 9  ? -1.03061  7.25729   -10.42276 1.000 82.04000  ? 9   G   A "C4'" 1 
ATOM   124 O  "O4'" . G   A 1 9  ? -1.45331  7.56264   -9.07666  1.000 75.32000  ? 9   G   A "O4'" 1 
ATOM   125 C  "C3'" . G   A 1 9  ? 0.03835   6.19630   -10.23533 1.000 80.35000  ? 9   G   A "C3'" 1 
ATOM   126 O  "O3'" . G   A 1 9  ? 0.91440   6.12210   -11.34467 1.000 95.43000  ? 9   G   A "O3'" 1 
ATOM   127 C  "C2'" . G   A 1 9  ? 0.74265   6.64601   -8.95686  1.000 80.30000  ? 9   G   A "C2'" 1 
ATOM   128 O  "O2'" . G   A 1 9  ? 1.73238   7.61862   -9.25937  1.000 91.42000  ? 9   G   A "O2'" 1 
ATOM   129 C  "C1'" . G   A 1 9  ? -0.38219  7.34134   -8.18939  1.000 77.30000  ? 9   G   A "C1'" 1 
ATOM   130 N  N9    . G   A 1 9  ? -0.84472  6.60796   -6.99609  1.000 60.98000  ? 9   G   A N9    1 
ATOM   131 C  C8    . G   A 1 9  ? -2.05432  6.00248   -6.78316  1.000 69.71000  ? 9   G   A C8    1 
ATOM   132 N  N7    . G   A 1 9  ? -2.16078  5.46525   -5.59942  1.000 55.88000  ? 9   G   A N7    1 
ATOM   133 C  C5    . G   A 1 9  ? -0.95365  5.75181   -4.98605  1.000 65.96000  ? 9   G   A C5    1 
ATOM   134 C  C6    . G   A 1 9  ? -0.48596  5.43100   -3.68359  1.000 67.91000  ? 9   G   A C6    1 
ATOM   135 O  O6    . G   A 1 9  ? -1.07092  4.80498   -2.79075  1.000 63.89000  ? 9   G   A O6    1 
ATOM   136 N  N1    . G   A 1 9  ? 0.80497   5.91110   -3.46962  1.000 60.83000  ? 9   G   A N1    1 
ATOM   137 C  C2    . G   A 1 9  ? 1.54143   6.61998   -4.38969  1.000 61.61000  ? 9   G   A C2    1 
ATOM   138 N  N2    . G   A 1 9  ? 2.76556   7.00569   -4.00244  1.000 61.85000  ? 9   G   A N2    1 
ATOM   139 N  N3    . G   A 1 9  ? 1.11325   6.92809   -5.60324  1.000 67.73000  ? 9   G   A N3    1 
ATOM   140 C  C4    . G   A 1 9  ? -0.13278  6.46342   -5.83244  1.000 65.98000  ? 9   G   A C4    1 
ATOM   141 P  P     . G   A 1 10 ? 2.21827   5.18077   -11.28932 1.000 103.37000 ? 10  G   A P     1 
ATOM   142 O  OP1   . G   A 1 10 ? 2.64444   4.90215   -12.68267 1.000 102.35000 ? 10  G   A OP1   1 
ATOM   143 O  OP2   . G   A 1 10 ? 1.93258   4.04929   -10.37482 1.000 78.19000  ? 10  G   A OP2   1 
ATOM   144 O  "O5'" . G   A 1 10 ? 3.33650   6.08269   -10.59695 1.000 88.01000  ? 10  G   A "O5'" 1 
ATOM   145 C  "C5'" . G   A 1 10 ? 4.69977   5.69526   -10.64822 1.000 83.52000  ? 10  G   A "C5'" 1 
ATOM   146 C  "C4'" . G   A 1 10 ? 5.42136   5.90085   -9.33550  1.000 83.56000  ? 10  G   A "C4'" 1 
ATOM   147 O  "O4'" . G   A 1 10 ? 4.49722   6.17055   -8.25742  1.000 79.08000  ? 10  G   A "O4'" 1 
ATOM   148 C  "C3'" . G   A 1 10 ? 6.22006   4.70718   -8.84847  1.000 83.16000  ? 10  G   A "C3'" 1 
ATOM   149 O  "O3'" . G   A 1 10 ? 7.46061   4.60883   -9.51378  1.000 77.42000  ? 10  G   A "O3'" 1 
ATOM   150 C  "C2'" . G   A 1 10 ? 6.34087   4.95801   -7.34608  1.000 77.77000  ? 10  G   A "C2'" 1 
ATOM   151 O  "O2'" . G   A 1 10 ? 7.42433   5.83106   -7.06271  1.000 81.81000  ? 10  G   A "O2'" 1 
ATOM   152 C  "C1'" . G   A 1 10 ? 5.03372   5.69337   -7.03717  1.000 71.57000  ? 10  G   A "C1'" 1 
ATOM   153 N  N9    . G   A 1 10 ? 4.02338   4.87060   -6.34062  1.000 73.55000  ? 10  G   A N9    1 
ATOM   154 C  C8    . G   A 1 10 ? 2.78951   4.50895   -6.82509  1.000 80.71000  ? 10  G   A C8    1 
ATOM   155 N  N7    . G   A 1 10 ? 2.08124   3.80817   -5.98267  1.000 66.43000  ? 10  G   A N7    1 
ATOM   156 C  C5    . G   A 1 10 ? 2.89021   3.71473   -4.86399  1.000 63.35000  ? 10  G   A C5    1 
ATOM   157 C  C6    . G   A 1 10 ? 2.64674   3.06943   -3.62475  1.000 70.58000  ? 10  G   A C6    1 
ATOM   158 O  O6    . G   A 1 10 ? 1.64101   2.44059   -3.26972  1.000 73.43000  ? 10  G   A O6    1 
ATOM   159 N  N1    . G   A 1 10 ? 3.71944   3.20042   -2.75358  1.000 63.24000  ? 10  G   A N1    1 
ATOM   160 C  C2    . G   A 1 10 ? 4.87316   3.87951   -3.04324  1.000 61.89000  ? 10  G   A C2    1 
ATOM   161 N  N2    . G   A 1 10 ? 5.78837   3.89862   -2.06453  1.000 67.04000  ? 10  G   A N2    1 
ATOM   162 N  N3    . G   A 1 10 ? 5.11118   4.48783   -4.19639  1.000 61.54000  ? 10  G   A N3    1 
ATOM   163 C  C4    . G   A 1 10 ? 4.08607   4.36939   -5.05967  1.000 55.85000  ? 10  G   A C4    1 
ATOM   164 P  P     . G   A 1 11 ? 8.03714   3.17342   -9.91719  1.000 85.56000  ? 11  G   A P     1 
ATOM   165 O  OP1   . G   A 1 11 ? 9.01559   3.39698   -11.01174 1.000 92.08000  ? 11  G   A OP1   1 
ATOM   166 O  OP2   . G   A 1 11 ? 6.89556   2.24412   -10.11850 1.000 85.27000  ? 11  G   A OP2   1 
ATOM   167 O  "O5'" . G   A 1 11 ? 8.84716   2.72972   -8.62304  1.000 75.33000  ? 11  G   A "O5'" 1 
ATOM   168 C  "C5'" . G   A 1 11 ? 9.90605   3.54591   -8.14180  1.000 71.46000  ? 11  G   A "C5'" 1 
ATOM   169 C  "C4'" . G   A 1 11 ? 10.10703  3.40003   -6.65707  1.000 84.02000  ? 11  G   A "C4'" 1 
ATOM   170 O  "O4'" . G   A 1 11 ? 8.81751   3.32723   -5.99212  1.000 85.21000  ? 11  G   A "O4'" 1 
ATOM   171 C  "C3'" . G   A 1 11 ? 10.88593  2.16376   -6.21480  1.000 80.97000  ? 11  G   A "C3'" 1 
ATOM   172 O  "O3'" . G   A 1 11 ? 11.69184  2.51084   -5.09509  1.000 86.21000  ? 11  G   A "O3'" 1 
ATOM   173 C  "C2'" . G   A 1 11 ? 9.78459   1.20493   -5.77499  1.000 73.77000  ? 11  G   A "C2'" 1 
ATOM   174 O  "O2'" . G   A 1 11 ? 10.18526  0.24079   -4.82374  1.000 74.21000  ? 11  G   A "O2'" 1 
ATOM   175 C  "C1'" . G   A 1 11 ? 8.76052   2.16461   -5.19135  1.000 72.87000  ? 11  G   A "C1'" 1 
ATOM   176 N  N9    . G   A 1 11 ? 7.39581   1.65088   -5.22823  1.000 67.01000  ? 11  G   A N9    1 
ATOM   177 C  C8    . G   A 1 11 ? 6.53318   1.67050   -6.29392  1.000 72.77000  ? 11  G   A C8    1 
ATOM   178 N  N7    . G   A 1 11 ? 5.37626   1.13922   -6.01458  1.000 75.86000  ? 11  G   A N7    1 
ATOM   179 C  C5    . G   A 1 11 ? 5.48964   0.75540   -4.68374  1.000 68.96000  ? 11  G   A C5    1 
ATOM   180 C  C6    . G   A 1 11 ? 4.54820   0.12431   -3.82994  1.000 67.38000  ? 11  G   A C6    1 
ATOM   181 O  O6    . G   A 1 11 ? 3.39383   -0.22905  -4.09550  1.000 66.41000  ? 11  G   A O6    1 
ATOM   182 N  N1    . G   A 1 11 ? 5.06837   -0.08934  -2.55925  1.000 64.95000  ? 11  G   A N1    1 
ATOM   183 C  C2    . G   A 1 11 ? 6.33744   0.26554   -2.16853  1.000 67.25000  ? 11  G   A C2    1 
ATOM   184 N  N2    . G   A 1 11 ? 6.65799   -0.02187  -0.90210  1.000 70.71000  ? 11  G   A N2    1 
ATOM   185 N  N3    . G   A 1 11 ? 7.22626   0.85700   -2.95043  1.000 56.34000  ? 11  G   A N3    1 
ATOM   186 C  C4    . G   A 1 11 ? 6.73060   1.07227   -4.18319  1.000 58.14000  ? 11  G   A C4    1 
ATOM   187 P  P     . C   A 1 12 ? 12.96716  3.45796   -5.30944  1.000 94.52000  ? 12  C   A P     1 
ATOM   188 O  OP1   . C   A 1 12 ? 13.33670  3.37328   -6.74800  1.000 93.82000  ? 12  C   A OP1   1 
ATOM   189 O  OP2   . C   A 1 12 ? 13.96414  3.11309   -4.26635  1.000 92.68000  ? 12  C   A OP2   1 
ATOM   190 O  "O5'" . C   A 1 12 ? 12.41849  4.93103   -5.03308  1.000 100.52000 ? 12  C   A "O5'" 1 
ATOM   191 C  "C5'" . C   A 1 12 ? 11.70553  5.24581   -3.84051  1.000 92.48000  ? 12  C   A "C5'" 1 
ATOM   192 C  "C4'" . C   A 1 12 ? 11.78631  6.71967   -3.50772  1.000 95.72000  ? 12  C   A "C4'" 1 
ATOM   193 O  "O4'" . C   A 1 12 ? 13.18512  7.10649   -3.40757  1.000 119.49000 ? 12  C   A "O4'" 1 
ATOM   194 C  "C3'" . C   A 1 12 ? 11.15582  7.66296   -4.53386  1.000 97.58000  ? 12  C   A "C3'" 1 
ATOM   195 O  "O3'" . C   A 1 12 ? 10.61878  8.80686   -3.87075  1.000 93.68000  ? 12  C   A "O3'" 1 
ATOM   196 C  "C2'" . C   A 1 12 ? 12.35557  8.09526   -5.37024  1.000 109.82000 ? 12  C   A "C2'" 1 
ATOM   197 O  "O2'" . C   A 1 12 ? 12.19463  9.33156   -6.03718  1.000 102.48000 ? 12  C   A "O2'" 1 
ATOM   198 C  "C1'" . C   A 1 12 ? 13.45755  8.15931   -4.31692  1.000 114.36000 ? 12  C   A "C1'" 1 
ATOM   199 N  N1    . C   A 1 12 ? 14.80764  7.96407   -4.86707  1.000 111.12000 ? 12  C   A N1    1 
ATOM   200 C  C2    . C   A 1 12 ? 15.65631  9.07082   -4.99192  1.000 111.56000 ? 12  C   A C2    1 
ATOM   201 O  O2    . C   A 1 12 ? 15.25296  10.18727  -4.62949  1.000 116.92000 ? 12  C   A O2    1 
ATOM   202 N  N3    . C   A 1 12 ? 16.89515  8.89366   -5.50574  1.000 110.58000 ? 12  C   A N3    1 
ATOM   203 C  C4    . C   A 1 12 ? 17.29090  7.67804   -5.88555  1.000 115.11000 ? 12  C   A C4    1 
ATOM   204 N  N4    . C   A 1 12 ? 18.51978  7.55076   -6.38602  1.000 126.24000 ? 12  C   A N4    1 
ATOM   205 C  C5    . C   A 1 12 ? 16.44844  6.53531   -5.77289  1.000 116.91000 ? 12  C   A C5    1 
ATOM   206 C  C6    . C   A 1 12 ? 15.22535  6.72237   -5.26408  1.000 113.53000 ? 12  C   A C6    1 
ATOM   207 P  P     . G   A 1 13 ? 9.18696   8.73964   -3.14462  1.000 102.64000 ? 13  G   A P     1 
ATOM   208 O  OP1   . G   A 1 13 ? 8.43368   7.57443   -3.68606  1.000 103.50000 ? 13  G   A OP1   1 
ATOM   209 O  OP2   . G   A 1 13 ? 8.57519   10.09575  -3.19840  1.000 78.44000  ? 13  G   A OP2   1 
ATOM   210 O  "O5'" . G   A 1 13 ? 9.56225   8.40815   -1.63417  1.000 80.24000  ? 13  G   A "O5'" 1 
ATOM   211 C  "C5'" . G   A 1 13 ? 9.00281   9.14794   -0.55531  1.000 74.59000  ? 13  G   A "C5'" 1 
ATOM   212 C  "C4'" . G   A 1 13 ? 8.75663   8.25619   0.63371   1.000 80.28000  ? 13  G   A "C4'" 1 
ATOM   213 O  "O4'" . G   A 1 13 ? 7.32058   8.09627   0.82057   1.000 75.64000  ? 13  G   A "O4'" 1 
ATOM   214 C  "C3'" . G   A 1 13 ? 9.33252   6.84648   0.49997   1.000 75.07000  ? 13  G   A "C3'" 1 
ATOM   215 O  "O3'" . G   A 1 13 ? 9.74837   6.36589   1.77976   1.000 82.15000  ? 13  G   A "O3'" 1 
ATOM   216 C  "C2'" . G   A 1 13 ? 8.12752   6.04624   0.03471   1.000 72.63000  ? 13  G   A "C2'" 1 
ATOM   217 O  "O2'" . G   A 1 13 ? 8.20947   4.66544   0.30196   1.000 86.20000  ? 13  G   A "O2'" 1 
ATOM   218 C  "C1'" . G   A 1 13 ? 7.00471   6.72095   0.81894   1.000 77.48000  ? 13  G   A "C1'" 1 
ATOM   219 N  N9    . G   A 1 13 ? 5.67416   6.53418   0.23211   1.000 72.68000  ? 13  G   A N9    1 
ATOM   220 C  C8    . G   A 1 13 ? 5.26935   6.86741   -1.03660  1.000 66.02000  ? 13  G   A C8    1 
ATOM   221 N  N7    . G   A 1 13 ? 4.02927   6.55223   -1.27798  1.000 59.94000  ? 13  G   A N7    1 
ATOM   222 C  C5    . G   A 1 13 ? 3.59410   5.97267   -0.09503  1.000 64.29000  ? 13  G   A C5    1 
ATOM   223 C  C6    . G   A 1 13 ? 2.33457   5.43606   0.24485   1.000 59.25000  ? 13  G   A C6    1 
ATOM   224 O  O6    . G   A 1 13 ? 1.33169   5.36473   -0.46327  1.000 60.44000  ? 13  G   A O6    1 
ATOM   225 N  N1    . G   A 1 13 ? 2.31409   4.94580   1.54273   1.000 55.23000  ? 13  G   A N1    1 
ATOM   226 C  C2    . G   A 1 13 ? 3.36966   4.97046   2.41368   1.000 55.88000  ? 13  G   A C2    1 
ATOM   227 N  N2    . G   A 1 13 ? 3.14988   4.44630   3.63034   1.000 62.87000  ? 13  G   A N2    1 
ATOM   228 N  N3    . G   A 1 13 ? 4.55541   5.46494   2.10676   1.000 68.07000  ? 13  G   A N3    1 
ATOM   229 C  C4    . G   A 1 13 ? 4.59454   5.94713   0.84582   1.000 64.22000  ? 13  G   A C4    1 
ATOM   230 P  P     . G   A 1 14 ? 10.83347  5.17944   1.90224   1.000 86.81000  ? 14  G   A P     1 
ATOM   231 O  OP1   . G   A 1 14 ? 12.12917  5.79044   2.29835   1.000 97.21000  ? 14  G   A OP1   1 
ATOM   232 O  OP2   . G   A 1 14 ? 10.77182  4.32626   0.68983   1.000 69.60000  ? 14  G   A OP2   1 
ATOM   233 O  "O5'" . G   A 1 14 ? 10.30091  4.30506   3.12169   1.000 83.89000  ? 14  G   A "O5'" 1 
ATOM   234 C  "C5'" . G   A 1 14 ? 10.22929  2.89182   3.02302   1.000 84.83000  ? 14  G   A "C5'" 1 
ATOM   235 C  "C4'" . G   A 1 14 ? 9.16349   2.32506   3.92819   1.000 82.94000  ? 14  G   A "C4'" 1 
ATOM   236 O  "O4'" . G   A 1 14 ? 7.90611   2.99046   3.68454   1.000 80.76000  ? 14  G   A "O4'" 1 
ATOM   237 C  "C3'" . G   A 1 14 ? 8.86318   0.85052   3.73158   1.000 81.34000  ? 14  G   A "C3'" 1 
ATOM   238 O  "O3'" . G   A 1 14 ? 9.76049   0.04854   4.47273   1.000 79.44000  ? 14  G   A "O3'" 1 
ATOM   239 C  "C2'" . G   A 1 14 ? 7.40961   0.71167   4.18580   1.000 83.07000  ? 14  G   A "C2'" 1 
ATOM   240 O  "O2'" . G   A 1 14 ? 7.32922   0.49573   5.58890   1.000 78.43000  ? 14  G   A "O2'" 1 
ATOM   241 C  "C1'" . G   A 1 14 ? 6.83624   2.09640   3.87637   1.000 74.31000  ? 14  G   A "C1'" 1 
ATOM   242 N  N9    . G   A 1 14 ? 5.94478   2.17251   2.69816   1.000 73.53000  ? 14  G   A N9    1 
ATOM   243 C  C8    . G   A 1 14 ? 6.21763   2.87369   1.55024   1.000 63.25000  ? 14  G   A C8    1 
ATOM   244 N  N7    . G   A 1 14 ? 5.25570   2.83874   0.67264   1.000 62.84000  ? 14  G   A N7    1 
ATOM   245 C  C5    . G   A 1 14 ? 4.26729   2.08207   1.28250   1.000 64.27000  ? 14  G   A C5    1 
ATOM   246 C  C6    . G   A 1 14 ? 2.98242   1.71695   0.81229   1.000 64.63000  ? 14  G   A C6    1 
ATOM   247 O  O6    . G   A 1 14 ? 2.45297   1.98470   -0.27334  1.000 65.44000  ? 14  G   A O6    1 
ATOM   248 N  N1    . G   A 1 14 ? 2.29934   0.95309   1.74920   1.000 66.20000  ? 14  G   A N1    1 
ATOM   249 C  C2    . G   A 1 14 ? 2.79056   0.59206   2.98010   1.000 63.21000  ? 14  G   A C2    1 
ATOM   250 N  N2    . G   A 1 14 ? 1.98714   -0.15262  3.75135   1.000 74.64000  ? 14  G   A N2    1 
ATOM   251 N  N3    . G   A 1 14 ? 3.98275   0.93072   3.43209   1.000 62.74000  ? 14  G   A N3    1 
ATOM   252 C  C4    . G   A 1 14 ? 4.66708   1.67530   2.54065   1.000 67.05000  ? 14  G   A C4    1 
ATOM   253 P  P     . G   A 1 15 ? 10.42352  -1.24665  3.81177   1.000 80.23000  ? 15  G   A P     1 
ATOM   254 O  OP1   . G   A 1 15 ? 11.76762  -1.43585  4.41131   1.000 100.70000 ? 15  G   A OP1   1 
ATOM   255 O  OP2   . G   A 1 15 ? 10.27818  -1.13233  2.34180   1.000 86.81000  ? 15  G   A OP2   1 
ATOM   256 O  "O5'" . G   A 1 15 ? 9.49097   -2.41842  4.33017   1.000 76.69000  ? 15  G   A "O5'" 1 
ATOM   257 C  "C5'" . G   A 1 15 ? 8.95123   -2.36873  5.64452   1.000 78.69000  ? 15  G   A "C5'" 1 
ATOM   258 C  "C4'" . G   A 1 15 ? 7.79179   -3.31599  5.78867   1.000 90.50000  ? 15  G   A "C4'" 1 
ATOM   259 O  "O4'" . G   A 1 15 ? 6.62893   -2.73964  5.13070   1.000 80.51000  ? 15  G   A "O4'" 1 
ATOM   260 C  "C3'" . G   A 1 15 ? 8.01392   -4.68711  5.15004   1.000 99.20000  ? 15  G   A "C3'" 1 
ATOM   261 O  "O3'" . G   A 1 15 ? 7.38853   -5.70444  5.93072   1.000 102.81000 ? 15  G   A "O3'" 1 
ATOM   262 C  "C2'" . G   A 1 15 ? 7.31441   -4.55336  3.80058   1.000 83.13000  ? 15  G   A "C2'" 1 
ATOM   263 O  "O2'" . G   A 1 15 ? 6.88634   -5.77110  3.23166   1.000 80.93000  ? 15  G   A "O2'" 1 
ATOM   264 C  "C1'" . G   A 1 15 ? 6.14651   -3.62773  4.14034   1.000 70.93000  ? 15  G   A "C1'" 1 
ATOM   265 N  N9    . G   A 1 15 ? 5.69086   -2.83981  2.99041   1.000 67.57000  ? 15  G   A N9    1 
ATOM   266 C  C8    . G   A 1 15 ? 6.49284   -2.03838  2.21815   1.000 64.72000  ? 15  G   A C8    1 
ATOM   267 N  N7    . G   A 1 15 ? 5.85072   -1.46068  1.24371   1.000 65.53000  ? 15  G   A N7    1 
ATOM   268 C  C5    . G   A 1 15 ? 4.54634   -1.90903  1.36808   1.000 65.67000  ? 15  G   A C5    1 
ATOM   269 C  C6    . G   A 1 15 ? 3.40291   -1.61270  0.57998   1.000 74.65000  ? 15  G   A C6    1 
ATOM   270 O  O6    . G   A 1 15 ? 3.32268   -0.87642  -0.41236  1.000 68.94000  ? 15  G   A O6    1 
ATOM   271 N  N1    . G   A 1 15 ? 2.27451   -2.27205  1.05085   1.000 64.40000  ? 15  G   A N1    1 
ATOM   272 C  C2    . G   A 1 15 ? 2.25813   -3.11173  2.13309   1.000 59.56000  ? 15  G   A C2    1 
ATOM   273 N  N2    . G   A 1 15 ? 1.07154   -3.65640  2.42485   1.000 72.25000  ? 15  G   A N2    1 
ATOM   274 N  N3    . G   A 1 15 ? 3.31633   -3.40112  2.87282   1.000 63.91000  ? 15  G   A N3    1 
ATOM   275 C  C4    . G   A 1 15 ? 4.42533   -2.76368  2.44179   1.000 63.96000  ? 15  G   A C4    1 
ATOM   276 P  P     . U   A 1 16 ? 8.28666   -6.63161  6.88678   1.000 112.59000 ? 16  U   A P     1 
ATOM   277 O  OP1   . U   A 1 16 ? 9.39308   -5.79997  7.42536   1.000 104.48000 ? 16  U   A OP1   1 
ATOM   278 O  OP2   . U   A 1 16 ? 8.60758   -7.86542  6.12409   1.000 113.97000 ? 16  U   A OP2   1 
ATOM   279 O  "O5'" . U   A 1 16 ? 7.31928   -7.00313  8.10031   1.000 117.66000 ? 16  U   A "O5'" 1 
ATOM   280 C  "C5'" . U   A 1 16 ? 6.35438   -6.07359  8.57721   1.000 129.61000 ? 16  U   A "C5'" 1 
ATOM   281 C  "C4'" . U   A 1 16 ? 6.06544   -6.25421  10.05048  1.000 138.92000 ? 16  U   A "C4'" 1 
ATOM   282 O  "O4'" . U   A 1 16 ? 5.57266   -7.59447  10.30791  1.000 141.14000 ? 16  U   A "O4'" 1 
ATOM   283 C  "C3'" . U   A 1 16 ? 7.25205   -6.10961  10.99434  1.000 140.39000 ? 16  U   A "C3'" 1 
ATOM   284 O  "O3'" . U   A 1 16 ? 7.58375   -4.75879  11.26318  1.000 133.30000 ? 16  U   A "O3'" 1 
ATOM   285 C  "C2'" . U   A 1 16 ? 6.79228   -6.88627  12.22261  1.000 137.81000 ? 16  U   A "C2'" 1 
ATOM   286 O  "O2'" . U   A 1 16 ? 5.89722   -6.10835  13.00620  1.000 132.71000 ? 16  U   A "O2'" 1 
ATOM   287 C  "C1'" . U   A 1 16 ? 6.00630   -8.03241  11.58258  1.000 137.45000 ? 16  U   A "C1'" 1 
ATOM   288 N  N1    . U   A 1 16 ? 6.83346   -9.24751  11.40963  1.000 133.16000 ? 16  U   A N1    1 
ATOM   289 P  P     . C   A 1 17 ? 9.05761   -4.37510  11.77827  1.000 139.13000 ? 17  C   A P     1 
ATOM   290 O  OP1   . C   A 1 17 ? 9.97177   -5.49924  11.47001  1.000 129.43000 ? 17  C   A OP1   1 
ATOM   291 O  OP2   . C   A 1 17 ? 8.94690   -3.91341  13.18443  1.000 141.40000 ? 17  C   A OP2   1 
ATOM   292 O  "O5'" . C   A 1 17 ? 9.47629   -3.14112  10.86287  1.000 134.01000 ? 17  C   A "O5'" 1 
ATOM   293 C  "C5'" . C   A 1 17 ? 10.55720  -2.29124  11.23376  1.000 131.28000 ? 17  C   A "C5'" 1 
ATOM   294 C  "C4'" . C   A 1 17 ? 10.06064  -0.93846  11.68002  1.000 136.98000 ? 17  C   A "C4'" 1 
ATOM   295 O  "O4'" . C   A 1 17 ? 10.82515  0.09697   11.00089  1.000 134.79000 ? 17  C   A "O4'" 1 
ATOM   296 C  "C3'" . C   A 1 17 ? 8.59124   -0.65966  11.37038  1.000 138.47000 ? 17  C   A "C3'" 1 
ATOM   297 O  "O3'" . C   A 1 17 ? 8.01189   0.12895   12.41504  1.000 138.06000 ? 17  C   A "O3'" 1 
ATOM   298 C  "C2'" . C   A 1 17 ? 8.66688   0.15159   10.07793  1.000 138.16000 ? 17  C   A "C2'" 1 
ATOM   299 O  "O2'" . C   A 1 17 ? 7.55581   0.99027   9.83918   1.000 136.59000 ? 17  C   A "O2'" 1 
ATOM   300 C  "C1'" . C   A 1 17 ? 9.95017   0.95353   10.29065  1.000 134.06000 ? 17  C   A "C1'" 1 
ATOM   301 N  N1    . C   A 1 17 ? 10.61447  1.36598   9.04194   1.000 125.88000 ? 17  C   A N1    1 
ATOM   302 C  C2    . C   A 1 17 ? 10.98886  2.70633   8.87303   1.000 127.81000 ? 17  C   A C2    1 
ATOM   303 O  O2    . C   A 1 17 ? 10.76052  3.52126   9.77953   1.000 126.60000 ? 17  C   A O2    1 
ATOM   304 N  N3    . C   A 1 17 ? 11.59804  3.08833   7.72621   1.000 122.75000 ? 17  C   A N3    1 
ATOM   305 C  C4    . C   A 1 17 ? 11.83289  2.19394   6.76568   1.000 114.61000 ? 17  C   A C4    1 
ATOM   306 N  N4    . C   A 1 17 ? 12.43514  2.61429   5.65028   1.000 107.31000 ? 17  C   A N4    1 
ATOM   307 C  C5    . C   A 1 17 ? 11.46059  0.82657   6.90795   1.000 106.47000 ? 17  C   A C5    1 
ATOM   308 C  C6    . C   A 1 17 ? 10.85979  0.45956   8.04762   1.000 114.88000 ? 17  C   A C6    1 
ATOM   309 P  P     . U   A 1 18 ? 6.85403   -0.48414  13.35572  1.000 148.36000 ? 18  U   A P     1 
ATOM   310 O  OP1   . U   A 1 18 ? 6.71169   0.39326   14.54686  1.000 144.69000 ? 18  U   A OP1   1 
ATOM   311 O  OP2   . U   A 1 18 ? 7.11136   -1.93457  13.55321  1.000 149.57000 ? 18  U   A OP2   1 
ATOM   312 O  "O5'" . U   A 1 18 ? 5.52411   -0.34332  12.48584  1.000 142.68000 ? 18  U   A "O5'" 1 
ATOM   313 C  "C5'" . U   A 1 18 ? 4.95786   -1.47155  11.82908  1.000 138.63000 ? 18  U   A "C5'" 1 
ATOM   314 C  "C4'" . U   A 1 18 ? 5.25552   -1.45114  10.35081  1.000 132.62000 ? 18  U   A "C4'" 1 
ATOM   315 O  "O4'" . U   A 1 18 ? 5.07120   -2.77211  9.77941   1.000 134.49000 ? 18  U   A "O4'" 1 
ATOM   316 C  "C3'" . U   A 1 18 ? 4.37266   -0.55472  9.49435   1.000 122.12000 ? 18  U   A "C3'" 1 
ATOM   317 O  "O3'" . U   A 1 18 ? 4.73392   0.81501   9.56853   1.000 118.40000 ? 18  U   A "O3'" 1 
ATOM   318 C  "C2'" . U   A 1 18 ? 4.54087   -1.16573  8.10630   1.000 125.21000 ? 18  U   A "C2'" 1 
ATOM   319 O  "O2'" . U   A 1 18 ? 5.76986   -0.76403  7.51571   1.000 115.18000 ? 18  U   A "O2'" 1 
ATOM   320 C  "C1'" . U   A 1 18 ? 4.63137   -2.65831  8.44087   1.000 124.57000 ? 18  U   A "C1'" 1 
ATOM   321 N  N1    . U   A 1 18 ? 3.32449   -3.34174  8.31106   1.000 109.03000 ? 18  U   A N1    1 
ATOM   322 P  P     . G   A 1 19 ? 3.71397   1.96987   9.09762   1.000 106.78000 ? 19  G   A P     1 
ATOM   323 O  OP1   . G   A 1 19 ? 4.14427   2.46370   7.76180   1.000 89.47000  ? 19  G   A OP1   1 
ATOM   324 O  OP2   . G   A 1 19 ? 3.57353   2.94604   10.21105  1.000 107.56000 ? 19  G   A OP2   1 
ATOM   325 O  "O5'" . G   A 1 19 ? 2.31554   1.22478   8.93670   1.000 80.59000  ? 19  G   A "O5'" 1 
ATOM   326 C  "C5'" . G   A 1 19 ? 1.17835   1.66104   9.67158   1.000 81.79000  ? 19  G   A "C5'" 1 
ATOM   327 C  "C4'" . G   A 1 19 ? -0.12291  1.20032   9.06145   1.000 87.72000  ? 19  G   A "C4'" 1 
ATOM   328 O  "O4'" . G   A 1 19 ? -0.50991  2.08197   7.96332   1.000 80.58000  ? 19  G   A "O4'" 1 
ATOM   329 C  "C3'" . G   A 1 19 ? -0.08136  -0.21069  8.47925   1.000 89.20000  ? 19  G   A "C3'" 1 
ATOM   330 O  "O3'" . G   A 1 19 ? -1.33548  -0.86353  8.67642   1.000 86.67000  ? 19  G   A "O3'" 1 
ATOM   331 C  "C2'" . G   A 1 19 ? 0.11808   0.05111   6.99801   1.000 72.86000  ? 19  G   A "C2'" 1 
ATOM   332 O  "O2'" . G   A 1 19 ? -0.29284  -1.00372  6.16370   1.000 86.61000  ? 19  G   A "O2'" 1 
ATOM   333 C  "C1'" . G   A 1 19 ? -0.72496  1.30804   6.80292   1.000 71.26000  ? 19  G   A "C1'" 1 
ATOM   334 N  N9    . G   A 1 19 ? -0.35111  2.07801   5.61652   1.000 69.29000  ? 19  G   A N9    1 
ATOM   335 C  C8    . G   A 1 19 ? 0.83968   2.71339   5.35606   1.000 68.11000  ? 19  G   A C8    1 
ATOM   336 N  N7    . G   A 1 19 ? 0.87086   3.28810   4.18420   1.000 67.22000  ? 19  G   A N7    1 
ATOM   337 C  C5    . G   A 1 19 ? -0.37160  3.00817   3.63672   1.000 65.41000  ? 19  G   A C5    1 
ATOM   338 C  C6    . G   A 1 19 ? -0.92167  3.36532   2.38084   1.000 61.97000  ? 19  G   A C6    1 
ATOM   339 O  O6    . G   A 1 19 ? -0.40732  4.02614   1.47135   1.000 58.90000  ? 19  G   A O6    1 
ATOM   340 N  N1    . G   A 1 19 ? -2.21264  2.86960   2.23150   1.000 66.15000  ? 19  G   A N1    1 
ATOM   341 C  C2    . G   A 1 19 ? -2.88863  2.13061   3.16717   1.000 61.08000  ? 19  G   A C2    1 
ATOM   342 N  N2    . G   A 1 19 ? -4.12729  1.74699   2.82083   1.000 69.21000  ? 19  G   A N2    1 
ATOM   343 N  N3    . G   A 1 19 ? -2.38368  1.79182   4.34124   1.000 49.68000  ? 19  G   A N3    1 
ATOM   344 C  C4    . G   A 1 19 ? -1.13425  2.25893   4.50673   1.000 60.56000  ? 19  G   A C4    1 
ATOM   345 P  P     . G   A 1 20 ? -1.40254  -2.47062  8.66607   1.000 99.82000  ? 20  G   A P     1 
ATOM   346 O  OP1   . G   A 1 20 ? -2.21202  -2.90332  9.83646   1.000 94.97000  ? 20  G   A OP1   1 
ATOM   347 O  OP2   . G   A 1 20 ? -0.01645  -2.98031  8.48740   1.000 88.28000  ? 20  G   A OP2   1 
ATOM   348 O  "O5'" . G   A 1 20 ? -2.20827  -2.82222  7.33644   1.000 91.92000  ? 20  G   A "O5'" 1 
ATOM   349 C  "C5'" . G   A 1 20 ? -3.60773  -3.04651  7.37701   1.000 83.85000  ? 20  G   A "C5'" 1 
ATOM   350 C  "C4'" . G   A 1 20 ? -4.18187  -3.29183  6.00356   1.000 79.39000  ? 20  G   A "C4'" 1 
ATOM   351 O  "O4'" . G   A 1 20 ? -4.14343  -2.07877  5.21201   1.000 71.74000  ? 20  G   A "O4'" 1 
ATOM   352 C  "C3'" . G   A 1 20 ? -3.47330  -4.31421  5.13106   1.000 71.81000  ? 20  G   A "C3'" 1 
ATOM   353 O  "O3'" . G   A 1 20 ? -3.79116  -5.65074  5.48657   1.000 68.85000  ? 20  G   A "O3'" 1 
ATOM   354 C  "C2'" . G   A 1 20 ? -3.93938  -3.93028  3.72781   1.000 77.26000  ? 20  G   A "C2'" 1 
ATOM   355 O  "O2'" . G   A 1 20 ? -5.24363  -4.43619  3.48066   1.000 77.48000  ? 20  G   A "O2'" 1 
ATOM   356 C  "C1'" . G   A 1 20 ? -4.05780  -2.40923  3.83930   1.000 77.67000  ? 20  G   A "C1'" 1 
ATOM   357 N  N9    . G   A 1 20 ? -2.95175  -1.65091  3.21566   1.000 67.86000  ? 20  G   A N9    1 
ATOM   358 C  C8    . G   A 1 20 ? -1.80136  -1.22353  3.81886   1.000 64.23000  ? 20  G   A C8    1 
ATOM   359 N  N7    . G   A 1 20 ? -1.02072  -0.53725  3.03432   1.000 62.65000  ? 20  G   A N7    1 
ATOM   360 C  C5    . G   A 1 20 ? -1.70329  -0.49910  1.83069   1.000 62.22000  ? 20  G   A C5    1 
ATOM   361 C  C6    . G   A 1 20 ? -1.34796  0.11178   0.60279   1.000 64.55000  ? 20  G   A C6    1 
ATOM   362 O  O6    . G   A 1 20 ? -0.32425  0.75384   0.33477   1.000 65.18000  ? 20  G   A O6    1 
ATOM   363 N  N1    . G   A 1 20 ? -2.32566  -0.08705  -0.36604  1.000 61.70000  ? 20  G   A N1    1 
ATOM   364 C  C2    . G   A 1 20 ? -3.49040  -0.77982  -0.17160  1.000 63.50000  ? 20  G   A C2    1 
ATOM   365 N  N2    . G   A 1 20 ? -4.31056  -0.86541  -1.22537  1.000 68.36000  ? 20  G   A N2    1 
ATOM   366 N  N3    . G   A 1 20 ? -3.82786  -1.35127  0.96962   1.000 65.73000  ? 20  G   A N3    1 
ATOM   367 C  C4    . G   A 1 20 ? -2.89705  -1.17358  1.92458   1.000 61.60000  ? 20  G   A C4    1 
ATOM   368 P  P     . G   A 1 21 ? -2.90888  -6.87884  4.93569   1.000 93.89000  ? 21  G   A P     1 
ATOM   369 O  OP1   . G   A 1 21 ? -3.26228  -8.09007  5.72537   1.000 94.23000  ? 21  G   A OP1   1 
ATOM   370 O  OP2   . G   A 1 21 ? -1.48945  -6.43888  4.88426   1.000 90.07000  ? 21  G   A OP2   1 
ATOM   371 O  "O5'" . G   A 1 21 ? -3.42468  -7.08948  3.44166   1.000 67.91000  ? 21  G   A "O5'" 1 
ATOM   372 C  "C5'" . G   A 1 21 ? -4.79196  -7.38696  3.18056   1.000 65.21000  ? 21  G   A "C5'" 1 
ATOM   373 C  "C4'" . G   A 1 21 ? -5.12899  -7.26783  1.71421   1.000 70.50000  ? 21  G   A "C4'" 1 
ATOM   374 O  "O4'" . G   A 1 21 ? -4.61743  -6.00835  1.19434   1.000 80.06000  ? 21  G   A "O4'" 1 
ATOM   375 C  "C3'" . G   A 1 21 ? -4.54836  -8.35914  0.82014   1.000 83.50000  ? 21  G   A "C3'" 1 
ATOM   376 O  "O3'" . G   A 1 21 ? -5.45752  -8.61428  -0.24408  1.000 91.54000  ? 21  G   A "O3'" 1 
ATOM   377 C  "C2'" . G   A 1 21 ? -3.29411  -7.70394  0.25341   1.000 81.13000  ? 21  G   A "C2'" 1 
ATOM   378 O  "O2'" . G   A 1 21 ? -2.84308  -8.25247  -0.96882  1.000 85.49000  ? 21  G   A "O2'" 1 
ATOM   379 C  "C1'" . G   A 1 21 ? -3.75770  -6.25769  0.09714   1.000 68.69000  ? 21  G   A "C1'" 1 
ATOM   380 N  N9    . G   A 1 21 ? -2.66653  -5.27982  0.12381   1.000 71.02000  ? 21  G   A N9    1 
ATOM   381 C  C8    . G   A 1 21 ? -1.79212  -5.06979  1.16215   1.000 69.87000  ? 21  G   A C8    1 
ATOM   382 N  N7    . G   A 1 21 ? -0.92169  -4.13237  0.90995   1.000 74.17000  ? 21  G   A N7    1 
ATOM   383 C  C5    . G   A 1 21 ? -1.23696  -3.70046  -0.36942  1.000 62.60000  ? 21  G   A C5    1 
ATOM   384 C  C6    . G   A 1 21 ? -0.62971  -2.70467  -1.16641  1.000 60.73000  ? 21  G   A C6    1 
ATOM   385 O  O6    . G   A 1 21 ? 0.33844   -1.99124  -0.87955  1.000 66.08000  ? 21  G   A O6    1 
ATOM   386 N  N1    . G   A 1 21 ? -1.26180  -2.58500  -2.39988  1.000 60.24000  ? 21  G   A N1    1 
ATOM   387 C  C2    . G   A 1 21 ? -2.34101  -3.33079  -2.80952  1.000 58.84000  ? 21  G   A C2    1 
ATOM   388 N  N2    . G   A 1 21 ? -2.81934  -3.08112  -4.03882  1.000 57.28000  ? 21  G   A N2    1 
ATOM   389 N  N3    . G   A 1 21 ? -2.90966  -4.26374  -2.07106  1.000 57.20000  ? 21  G   A N3    1 
ATOM   390 C  C4    . G   A 1 21 ? -2.31175  -4.39457  -0.87148  1.000 61.47000  ? 21  G   A C4    1 
ATOM   391 P  P     . A   A 1 22 ? -5.87235  -10.11776 -0.59751  1.000 90.12000  ? 22  A   A P     1 
ATOM   392 O  OP1   . A   A 1 22 ? -5.53652  -10.96451 0.57441   1.000 79.84000  ? 22  A   A OP1   1 
ATOM   393 O  OP2   . A   A 1 22 ? -5.29273  -10.42779 -1.92990  1.000 80.45000  ? 22  A   A OP2   1 
ATOM   394 O  "O5'" . A   A 1 22 ? -7.45457  -10.04166 -0.74477  1.000 86.81000  ? 22  A   A "O5'" 1 
ATOM   395 C  "C5'" . A   A 1 22 ? -8.27489  -11.17619 -0.49067  1.000 84.43000  ? 22  A   A "C5'" 1 
ATOM   396 C  "C4'" . A   A 1 22 ? -9.72508  -10.77856 -0.38009  1.000 88.69000  ? 22  A   A "C4'" 1 
ATOM   397 O  "O4'" . A   A 1 22 ? -10.07356 -10.59799 1.02268   1.000 88.72000  ? 22  A   A "O4'" 1 
ATOM   398 C  "C3'" . A   A 1 22 ? -10.09525 -9.47167  -1.08460  1.000 87.79000  ? 22  A   A "C3'" 1 
ATOM   399 O  "O3'" . A   A 1 22 ? -11.40790 -9.57387  -1.63793  1.000 85.35000  ? 22  A   A "O3'" 1 
ATOM   400 C  "C2'" . A   A 1 22 ? -10.10674 -8.46067  0.05681   1.000 80.64000  ? 22  A   A "C2'" 1 
ATOM   401 O  "O2'" . A   A 1 22 ? -10.92575 -7.33489  -0.17531  1.000 88.85000  ? 22  A   A "O2'" 1 
ATOM   402 C  "C1'" . A   A 1 22 ? -10.63064 -9.31332  1.21005   1.000 75.58000  ? 22  A   A "C1'" 1 
ATOM   403 N  N9    . A   A 1 22 ? -10.25370 -8.82687  2.54137   1.000 80.75000  ? 22  A   A N9    1 
ATOM   404 C  C8    . A   A 1 22 ? -9.01747  -8.84895  3.13737   1.000 77.82000  ? 22  A   A C8    1 
ATOM   405 N  N7    . A   A 1 22 ? -9.00954  -8.33385  4.34632   1.000 75.24000  ? 22  A   A N7    1 
ATOM   406 C  C5    . A   A 1 22 ? -10.32726 -7.95241  4.56742   1.000 72.72000  ? 22  A   A C5    1 
ATOM   407 C  C6    . A   A 1 22 ? -10.98368 -7.34773  5.66218   1.000 74.66000  ? 22  A   A C6    1 
ATOM   408 N  N6    . A   A 1 22 ? -10.38363 -6.99270  6.80208   1.000 69.95000  ? 22  A   A N6    1 
ATOM   409 N  N1    . A   A 1 22 ? -12.30745 -7.10506  5.55127   1.000 71.07000  ? 22  A   A N1    1 
ATOM   410 C  C2    . A   A 1 22 ? -12.92604 -7.45412  4.41703   1.000 63.67000  ? 22  A   A C2    1 
ATOM   411 N  N3    . A   A 1 22 ? -12.42441 -8.02878  3.32694   1.000 70.09000  ? 22  A   A N3    1 
ATOM   412 C  C4    . A   A 1 22 ? -11.10501 -8.25638  3.46349   1.000 76.70000  ? 22  A   A C4    1 
HETATM 413 K  K     . K   B 2 .  ? -1.16374  5.95905   -0.32669  0.500 49.35000  ? 101 K   A K     1 
HETATM 414 K  K     . K   C 2 .  ? 0.03672   3.03165   -1.07199  1.000 53.61000  ? 102 K   A K     1 
HETATM 415 K  K     . K   D 2 .  ? 1.45461   -0.01285  -2.18351  1.000 68.67000  ? 103 K   A K     1 
HETATM 416 AS AS    . CAD E 3 .  ? -7.68385  4.81336   -6.97177  1.000 150.66000 ? 104 CAD A AS    1 
HETATM 417 C  C1    . CAD E 3 .  ? -8.76519  4.82329   -8.61383  1.000 106.19000 ? 104 CAD A C1    1 
HETATM 418 C  C2    . CAD E 3 .  ? -8.45079  6.05006   -5.65341  1.000 91.74000  ? 104 CAD A C2    1 
HETATM 419 O  O1    . CAD E 3 .  ? -7.69221  3.17667   -6.27230  1.000 97.86000  ? 104 CAD A O1    1 
HETATM 420 O  O2    . CAD E 3 .  ? -6.01125  5.29875   -7.35522  1.000 88.30000  ? 104 CAD A O2    1 
HETATM 421 AS AS    . CAD F 3 .  ? 7.09577   6.73745   6.74137   1.000 163.44000 ? 105 CAD A AS    1 
HETATM 422 C  C1    . CAD F 3 .  ? 8.16566   5.58272   5.56823   1.000 90.89000  ? 105 CAD A C1    1 
HETATM 423 C  C2    . CAD F 3 .  ? 8.24965   7.46499   8.15535   1.000 119.98000 ? 105 CAD A C2    1 
HETATM 424 O  O1    . CAD F 3 .  ? 6.40952   8.05688   5.76418   1.000 112.23000 ? 105 CAD A O1    1 
HETATM 425 O  O2    . CAD F 3 .  ? 5.77014   5.80532   7.47562   1.000 107.88000 ? 105 CAD A O2    1 
# 
